data_3SGP
# 
_entry.id   3SGP 
# 
_audit_conform.dict_name       mmcif_pdbx.dic 
_audit_conform.dict_version    5.379 
_audit_conform.dict_location   http://mmcif.pdb.org/dictionaries/ascii/mmcif_pdbx.dic 
# 
loop_
_database_2.database_id 
_database_2.database_code 
_database_2.pdbx_database_accession 
_database_2.pdbx_DOI 
PDB   3SGP         pdb_00003sgp 10.2210/pdb3sgp/pdb 
RCSB  RCSB066180   ?            ?                   
WWPDB D_1000066180 ?            ?                   
# 
loop_
_pdbx_database_related.db_name 
_pdbx_database_related.db_id 
_pdbx_database_related.details 
_pdbx_database_related.content_type 
PDB 3SGM 'Bromoderivative-2 of amyloid-related segment of alphaB-crystallin residues 90-100'         unspecified 
PDB 3SGN 'Bromoderivative-8 of amyloid-related segment of alphaB-crystallin residues 90-100'         unspecified 
PDB 3SGO 'Amyloid-related segment of alphaB-crystallin residues 90-100'                              unspecified 
PDB 3SGR 'Tandem repeat of amyloid-related segment of alphaB-crystallin residues 90-100 mutant V91L' unspecified 
PDB 3SGS 'Amyloid-related segment of alphaB-crystallin residues 95-100'                              unspecified 
# 
_pdbx_database_status.entry_id                        3SGP 
_pdbx_database_status.status_code                     REL 
_pdbx_database_status.deposit_site                    RCSB 
_pdbx_database_status.process_site                    RCSB 
_pdbx_database_status.recvd_initial_deposition_date   2011-06-15 
_pdbx_database_status.status_code_sf                  REL 
_pdbx_database_status.status_code_mr                  ? 
_pdbx_database_status.SG_entry                        ? 
_pdbx_database_status.status_code_cs                  ? 
_pdbx_database_status.pdb_format_compatible           Y 
_pdbx_database_status.status_code_nmr_data            ? 
_pdbx_database_status.methods_development_category    ? 
# 
loop_
_audit_author.name 
_audit_author.pdbx_ordinal 
'Laganowsky, A.' 1 
'Sawaya, M.R.'   2 
'Cascio, D.'     3 
'Eisenberg, D.'  4 
# 
_citation.id                        primary 
_citation.title                     'Atomic view of a toxic amyloid small oligomer.' 
_citation.journal_abbrev            Science 
_citation.journal_volume            335 
_citation.page_first                1228 
_citation.page_last                 1231 
_citation.year                      2012 
_citation.journal_id_ASTM           SCIEAS 
_citation.country                   US 
_citation.journal_id_ISSN           0036-8075 
_citation.journal_id_CSD            0038 
_citation.book_publisher            ? 
_citation.pdbx_database_id_PubMed   22403391 
_citation.pdbx_database_id_DOI      10.1126/science.1213151 
# 
loop_
_citation_author.citation_id 
_citation_author.name 
_citation_author.ordinal 
_citation_author.identifier_ORCID 
primary 'Laganowsky, A.'   1  ? 
primary 'Liu, C.'          2  ? 
primary 'Sawaya, M.R.'     3  ? 
primary 'Whitelegge, J.P.' 4  ? 
primary 'Park, J.'         5  ? 
primary 'Zhao, M.'         6  ? 
primary 'Pensalfini, A.'   7  ? 
primary 'Soriaga, A.B.'    8  ? 
primary 'Landau, M.'       9  ? 
primary 'Teng, P.K.'       10 ? 
primary 'Cascio, D.'       11 ? 
primary 'Glabe, C.'        12 ? 
primary 'Eisenberg, D.'    13 ? 
# 
_cell.length_a           65.681 
_cell.length_b           65.681 
_cell.length_c           65.681 
_cell.angle_alpha        90.000 
_cell.angle_beta         90.000 
_cell.angle_gamma        90.000 
_cell.entry_id           3SGP 
_cell.pdbx_unique_axis   ? 
_cell.Z_PDB              96 
_cell.length_a_esd       ? 
_cell.length_b_esd       ? 
_cell.length_c_esd       ? 
_cell.angle_alpha_esd    ? 
_cell.angle_beta_esd     ? 
_cell.angle_gamma_esd    ? 
# 
_symmetry.space_group_name_H-M             'I 21 3' 
_symmetry.entry_id                         3SGP 
_symmetry.Int_Tables_number                199 
_symmetry.pdbx_full_space_group_name_H-M   ? 
_symmetry.cell_setting                     ? 
_symmetry.space_group_name_Hall            ? 
# 
loop_
_entity.id 
_entity.type 
_entity.src_method 
_entity.pdbx_description 
_entity.formula_weight 
_entity.pdbx_number_of_molecules 
_entity.pdbx_ec 
_entity.pdbx_mutation 
_entity.pdbx_fragment 
_entity.details 
1 polymer     syn 'Alpha-crystallin B chain'      1214.494 4  ? V91L ? ? 
2 non-polymer syn '(4R)-2-METHYLPENTANE-2,4-DIOL' 118.174  1  ? ?    ? ? 
3 non-polymer syn '(4S)-2-METHYL-2,4-PENTANEDIOL' 118.174  2  ? ?    ? ? 
4 water       nat water                           18.015   30 ? ?    ? ? 
# 
_entity_name_com.entity_id   1 
_entity_name_com.name        
'Alpha(B)-crystallin, Heat shock protein beta-5, HspB5, Renal carcinoma antigen NY-REN-27, Rosenthal fiber component' 
# 
_entity_poly.entity_id                      1 
_entity_poly.type                           'polypeptide(L)' 
_entity_poly.nstd_linkage                   no 
_entity_poly.nstd_monomer                   no 
_entity_poly.pdbx_seq_one_letter_code       KLKVLGDVIEV 
_entity_poly.pdbx_seq_one_letter_code_can   KLKVLGDVIEV 
_entity_poly.pdbx_strand_id                 A,B,C,D 
_entity_poly.pdbx_target_identifier         ? 
# 
loop_
_entity_poly_seq.entity_id 
_entity_poly_seq.num 
_entity_poly_seq.mon_id 
_entity_poly_seq.hetero 
1 1  LYS n 
1 2  LEU n 
1 3  LYS n 
1 4  VAL n 
1 5  LEU n 
1 6  GLY n 
1 7  ASP n 
1 8  VAL n 
1 9  ILE n 
1 10 GLU n 
1 11 VAL n 
# 
_pdbx_entity_src_syn.entity_id              1 
_pdbx_entity_src_syn.pdbx_src_id            1 
_pdbx_entity_src_syn.pdbx_alt_source_flag   sample 
_pdbx_entity_src_syn.pdbx_beg_seq_num       ? 
_pdbx_entity_src_syn.pdbx_end_seq_num       ? 
_pdbx_entity_src_syn.organism_scientific    'Homo sapiens' 
_pdbx_entity_src_syn.organism_common_name   human 
_pdbx_entity_src_syn.ncbi_taxonomy_id       9606 
_pdbx_entity_src_syn.details                'synthetic peptide' 
# 
_struct_ref.id                         1 
_struct_ref.db_name                    UNP 
_struct_ref.db_code                    CRYAB_HUMAN 
_struct_ref.pdbx_db_accession          P02511 
_struct_ref.entity_id                  1 
_struct_ref.pdbx_seq_one_letter_code   KVKVLGDVIEV 
_struct_ref.pdbx_align_begin           90 
_struct_ref.pdbx_db_isoform            ? 
# 
loop_
_struct_ref_seq.align_id 
_struct_ref_seq.ref_id 
_struct_ref_seq.pdbx_PDB_id_code 
_struct_ref_seq.pdbx_strand_id 
_struct_ref_seq.seq_align_beg 
_struct_ref_seq.pdbx_seq_align_beg_ins_code 
_struct_ref_seq.seq_align_end 
_struct_ref_seq.pdbx_seq_align_end_ins_code 
_struct_ref_seq.pdbx_db_accession 
_struct_ref_seq.db_align_beg 
_struct_ref_seq.pdbx_db_align_beg_ins_code 
_struct_ref_seq.db_align_end 
_struct_ref_seq.pdbx_db_align_end_ins_code 
_struct_ref_seq.pdbx_auth_seq_align_beg 
_struct_ref_seq.pdbx_auth_seq_align_end 
1 1 3SGP A 1 ? 11 ? P02511 90 ? 100 ? 1 11 
2 1 3SGP B 1 ? 11 ? P02511 90 ? 100 ? 1 11 
3 1 3SGP C 1 ? 11 ? P02511 90 ? 100 ? 1 11 
4 1 3SGP D 1 ? 11 ? P02511 90 ? 100 ? 1 11 
# 
loop_
_struct_ref_seq_dif.align_id 
_struct_ref_seq_dif.pdbx_pdb_id_code 
_struct_ref_seq_dif.mon_id 
_struct_ref_seq_dif.pdbx_pdb_strand_id 
_struct_ref_seq_dif.seq_num 
_struct_ref_seq_dif.pdbx_pdb_ins_code 
_struct_ref_seq_dif.pdbx_seq_db_name 
_struct_ref_seq_dif.pdbx_seq_db_accession_code 
_struct_ref_seq_dif.db_mon_id 
_struct_ref_seq_dif.pdbx_seq_db_seq_num 
_struct_ref_seq_dif.details 
_struct_ref_seq_dif.pdbx_auth_seq_num 
_struct_ref_seq_dif.pdbx_ordinal 
1 3SGP LEU A 2 ? UNP P02511 VAL 91 'engineered mutation' 2 1 
2 3SGP LEU B 2 ? UNP P02511 VAL 91 'engineered mutation' 2 2 
3 3SGP LEU C 2 ? UNP P02511 VAL 91 'engineered mutation' 2 3 
4 3SGP LEU D 2 ? UNP P02511 VAL 91 'engineered mutation' 2 4 
# 
loop_
_chem_comp.id 
_chem_comp.type 
_chem_comp.mon_nstd_flag 
_chem_comp.name 
_chem_comp.pdbx_synonyms 
_chem_comp.formula 
_chem_comp.formula_weight 
ASP 'L-peptide linking' y 'ASPARTIC ACID'                 ? 'C4 H7 N O4'     133.103 
GLU 'L-peptide linking' y 'GLUTAMIC ACID'                 ? 'C5 H9 N O4'     147.129 
GLY 'peptide linking'   y GLYCINE                         ? 'C2 H5 N O2'     75.067  
HOH non-polymer         . WATER                           ? 'H2 O'           18.015  
ILE 'L-peptide linking' y ISOLEUCINE                      ? 'C6 H13 N O2'    131.173 
LEU 'L-peptide linking' y LEUCINE                         ? 'C6 H13 N O2'    131.173 
LYS 'L-peptide linking' y LYSINE                          ? 'C6 H15 N2 O2 1' 147.195 
MPD non-polymer         . '(4S)-2-METHYL-2,4-PENTANEDIOL' ? 'C6 H14 O2'      118.174 
MRD non-polymer         . '(4R)-2-METHYLPENTANE-2,4-DIOL' ? 'C6 H14 O2'      118.174 
VAL 'L-peptide linking' y VALINE                          ? 'C5 H11 N O2'    117.146 
# 
_exptl.crystals_number   1 
_exptl.entry_id          3SGP 
_exptl.method            'X-RAY DIFFRACTION' 
# 
_exptl_crystal.id                    1 
_exptl_crystal.density_Matthews      2.43 
_exptl_crystal.density_meas          ? 
_exptl_crystal.density_percent_sol   49.39 
_exptl_crystal.description           ? 
_exptl_crystal.F_000                 ? 
_exptl_crystal.preparation           ? 
# 
_exptl_crystal_grow.crystal_id      1 
_exptl_crystal_grow.method          'VAPOR DIFFUSION, HANGING DROP' 
_exptl_crystal_grow.pH              7.0 
_exptl_crystal_grow.temp            298 
_exptl_crystal_grow.pdbx_details    
'0.1M TRIS pH 7.0, 35% MPD, 0.2M SODIUM CHLORIDE, vapor diffusion, hanging drop, temperature 298K' 
_exptl_crystal_grow.temp_details    ? 
_exptl_crystal_grow.pdbx_pH_range   ? 
# 
_diffrn.id                     1 
_diffrn.ambient_temp           100 
_diffrn.ambient_temp_details   ? 
_diffrn.crystal_id             1 
# 
_diffrn_detector.diffrn_id              1 
_diffrn_detector.detector               CCD 
_diffrn_detector.type                   'ADSC QUANTUM 315' 
_diffrn_detector.pdbx_collection_date   2010-10-15 
_diffrn_detector.details                ? 
# 
_diffrn_radiation.diffrn_id                        1 
_diffrn_radiation.pdbx_diffrn_protocol             'SINGLE WAVELENGTH' 
_diffrn_radiation.monochromator                    ? 
_diffrn_radiation.wavelength_id                    1 
_diffrn_radiation.pdbx_monochromatic_or_laue_m_l   M 
_diffrn_radiation.pdbx_scattering_type             x-ray 
# 
_diffrn_radiation_wavelength.id           1 
_diffrn_radiation_wavelength.wavelength   0.9794 
_diffrn_radiation_wavelength.wt           1.0 
# 
_diffrn_source.diffrn_id                   1 
_diffrn_source.source                      SYNCHROTRON 
_diffrn_source.type                        'APS BEAMLINE 24-ID-C' 
_diffrn_source.pdbx_wavelength_list        0.9794 
_diffrn_source.pdbx_wavelength             ? 
_diffrn_source.pdbx_synchrotron_site       APS 
_diffrn_source.pdbx_synchrotron_beamline   24-ID-C 
# 
_reflns.entry_id                     3SGP 
_reflns.d_resolution_high            1.400 
_reflns.d_resolution_low             100.000 
_reflns.number_obs                   9431 
_reflns.pdbx_Rmerge_I_obs            0.072 
_reflns.pdbx_netI_over_sigmaI        14.900 
_reflns.pdbx_chi_squared             1.020 
_reflns.pdbx_redundancy              9.000 
_reflns.percent_possible_obs         99.800 
_reflns.observed_criterion_sigma_F   ? 
_reflns.observed_criterion_sigma_I   ? 
_reflns.number_all                   ? 
_reflns.pdbx_Rsym_value              ? 
_reflns.B_iso_Wilson_estimate        ? 
_reflns.R_free_details               ? 
_reflns.limit_h_max                  ? 
_reflns.limit_h_min                  ? 
_reflns.limit_k_max                  ? 
_reflns.limit_k_min                  ? 
_reflns.limit_l_max                  ? 
_reflns.limit_l_min                  ? 
_reflns.observed_criterion_F_max     ? 
_reflns.observed_criterion_F_min     ? 
_reflns.pdbx_scaling_rejects         ? 
_reflns.pdbx_ordinal                 1 
_reflns.pdbx_diffrn_id               1 
# 
loop_
_reflns_shell.d_res_high 
_reflns_shell.d_res_low 
_reflns_shell.number_measured_obs 
_reflns_shell.number_measured_all 
_reflns_shell.number_unique_obs 
_reflns_shell.Rmerge_I_obs 
_reflns_shell.meanI_over_sigI_obs 
_reflns_shell.pdbx_Rsym_value 
_reflns_shell.pdbx_chi_squared 
_reflns_shell.pdbx_redundancy 
_reflns_shell.percent_possible_obs 
_reflns_shell.number_unique_all 
_reflns_shell.percent_possible_all 
_reflns_shell.pdbx_ordinal 
_reflns_shell.pdbx_diffrn_id 
1.400 1.450   ? ? ? 0.499 ? ? 1.068 5.000 ? 941 100.000 1  1 
1.450 1.510   ? ? ? 0.386 ? ? 1.068 7.400 ? 925 100.000 2  1 
1.510 1.580   ? ? ? 0.292 ? ? 1.038 9.800 ? 931 100.000 3  1 
1.580 1.660   ? ? ? 0.214 ? ? 1.020 9.700 ? 944 100.000 4  1 
1.660 1.760   ? ? ? 0.161 ? ? 1.023 9.800 ? 934 100.000 5  1 
1.760 1.900   ? ? ? 0.120 ? ? 1.036 9.800 ? 924 100.000 6  1 
1.900 2.090   ? ? ? 0.097 ? ? 1.050 9.800 ? 961 100.000 7  1 
2.090 2.390   ? ? ? 0.085 ? ? 0.959 9.800 ? 937 100.000 8  1 
2.390 3.020   ? ? ? 0.088 ? ? 1.027 9.700 ? 960 100.000 9  1 
3.020 100.000 ? ? ? 0.048 ? ? 0.939 8.800 ? 974 97.700  10 1 
# 
_refine.entry_id                                 3SGP 
_refine.ls_d_res_high                            1.4016 
_refine.ls_d_res_low                             46.4430 
_refine.pdbx_ls_sigma_F                          0.000 
_refine.pdbx_data_cutoff_high_absF               ? 
_refine.pdbx_data_cutoff_low_absF                ? 
_refine.ls_percent_reflns_obs                    97.4500 
_refine.ls_number_reflns_obs                     9195 
_refine.ls_number_reflns_all                     ? 
_refine.pdbx_ls_cross_valid_method               ? 
_refine.pdbx_R_Free_selection_details            ? 
_refine.details                                  ? 
_refine.ls_R_factor_all                          ? 
_refine.ls_R_factor_obs                          0.1779 
_refine.ls_R_factor_R_work                       0.1750 
_refine.ls_wR_factor_R_work                      ? 
_refine.ls_R_factor_R_free                       0.2385 
_refine.ls_wR_factor_R_free                      ? 
_refine.ls_percent_reflns_R_free                 4.8000 
_refine.ls_number_reflns_R_free                  441 
_refine.ls_R_factor_R_free_error                 ? 
_refine.B_iso_mean                               21.7893 
_refine.solvent_model_param_bsol                 57.4200 
_refine.solvent_model_param_ksol                 0.3550 
_refine.pdbx_isotropic_thermal_model             ? 
_refine.aniso_B[1][1]                            0.0000 
_refine.aniso_B[2][2]                            0.0000 
_refine.aniso_B[3][3]                            0.0000 
_refine.aniso_B[1][2]                            0.0000 
_refine.aniso_B[1][3]                            0.0000 
_refine.aniso_B[2][3]                            0.0000 
_refine.correlation_coeff_Fo_to_Fc               ? 
_refine.correlation_coeff_Fo_to_Fc_free          ? 
_refine.overall_SU_R_Cruickshank_DPI             ? 
_refine.overall_SU_R_free                        ? 
_refine.pdbx_overall_ESU_R_Free                  ? 
_refine.overall_SU_ML                            0.2200 
_refine.overall_SU_B                             ? 
_refine.solvent_model_details                    'FLAT BULK SOLVENT MODEL' 
_refine.pdbx_solvent_vdw_probe_radii             1.4000 
_refine.pdbx_solvent_ion_probe_radii             ? 
_refine.pdbx_solvent_shrinkage_radii             1.1700 
_refine.ls_number_parameters                     ? 
_refine.ls_number_restraints                     ? 
_refine.pdbx_starting_model                      'PDB ENTRY 3SGM' 
_refine.pdbx_method_to_determine_struct          'MOLECULAR REPLACEMENT' 
_refine.pdbx_stereochemistry_target_values       ML 
_refine.pdbx_stereochem_target_val_spec_case     ? 
_refine.overall_FOM_work_R_set                   0.8488 
_refine.B_iso_max                                74.960 
_refine.B_iso_min                                10.720 
_refine.pdbx_overall_phase_error                 21.3700 
_refine.occupancy_max                            1.000 
_refine.occupancy_min                            0.210 
_refine.pdbx_ls_sigma_I                          ? 
_refine.ls_redundancy_reflns_obs                 ? 
_refine.ls_R_factor_R_free_error_details         ? 
_refine.pdbx_data_cutoff_high_rms_absF           ? 
_refine.overall_FOM_free_R_set                   ? 
_refine.pdbx_diffrn_id                           1 
_refine.pdbx_refine_id                           'X-RAY DIFFRACTION' 
_refine.pdbx_overall_ESU_R                       ? 
_refine.pdbx_TLS_residual_ADP_flag               ? 
_refine.pdbx_overall_SU_R_free_Cruickshank_DPI   ? 
_refine.pdbx_overall_SU_R_Blow_DPI               ? 
_refine.pdbx_overall_SU_R_free_Blow_DPI          ? 
# 
_refine_hist.pdbx_refine_id                   'X-RAY DIFFRACTION' 
_refine_hist.cycle_id                         LAST 
_refine_hist.pdbx_number_atoms_protein        339 
_refine_hist.pdbx_number_atoms_nucleic_acid   0 
_refine_hist.pdbx_number_atoms_ligand         24 
_refine_hist.number_atoms_solvent             30 
_refine_hist.number_atoms_total               393 
_refine_hist.d_res_high                       1.4016 
_refine_hist.d_res_low                        46.4430 
# 
loop_
_refine_ls_restr.type 
_refine_ls_restr.number 
_refine_ls_restr.dev_ideal 
_refine_ls_restr.dev_ideal_target 
_refine_ls_restr.weight 
_refine_ls_restr.pdbx_restraint_function 
_refine_ls_restr.pdbx_refine_id 
f_bond_d           425 0.006  ? ? ? 'X-RAY DIFFRACTION' 
f_angle_d          576 1.084  ? ? ? 'X-RAY DIFFRACTION' 
f_chiral_restr     80  0.061  ? ? ? 'X-RAY DIFFRACTION' 
f_plane_restr      64  0.004  ? ? ? 'X-RAY DIFFRACTION' 
f_dihedral_angle_d 175 19.248 ? ? ? 'X-RAY DIFFRACTION' 
# 
loop_
_refine_ls_shell.d_res_high 
_refine_ls_shell.d_res_low 
_refine_ls_shell.pdbx_total_number_of_bins_used 
_refine_ls_shell.percent_reflns_obs 
_refine_ls_shell.number_reflns_R_work 
_refine_ls_shell.R_factor_all 
_refine_ls_shell.R_factor_R_work 
_refine_ls_shell.R_factor_R_free 
_refine_ls_shell.percent_reflns_R_free 
_refine_ls_shell.number_reflns_R_free 
_refine_ls_shell.R_factor_R_free_error 
_refine_ls_shell.number_reflns_all 
_refine_ls_shell.number_reflns_obs 
_refine_ls_shell.redundancy_reflns_obs 
_refine_ls_shell.pdbx_refine_id 
1.4016 1.6044  3 94.0000 2782 . 0.1816 0.2368 . 143 . 2925 . . 'X-RAY DIFFRACTION' 
1.6044 2.0214  3 99.0000 2926 . 0.1229 0.2095 . 165 . 3091 . . 'X-RAY DIFFRACTION' 
2.0214 46.4690 3 99.0000 3046 . 0.1903 0.2521 . 133 . 3179 . . 'X-RAY DIFFRACTION' 
# 
_struct.entry_id                  3SGP 
_struct.title                     'Amyloid-related segment of alphaB-crystallin residues 90-100 mutant V91L' 
_struct.pdbx_model_details        ? 
_struct.pdbx_CASP_flag            ? 
_struct.pdbx_model_type_details   ? 
# 
_struct_keywords.entry_id        3SGP 
_struct_keywords.text            'amyloid, amyloid oligomer, beta cylindrin, PROTEIN FIBRIL' 
_struct_keywords.pdbx_keywords   'PROTEIN FIBRIL' 
# 
loop_
_struct_asym.id 
_struct_asym.pdbx_blank_PDB_chainid_flag 
_struct_asym.pdbx_modified 
_struct_asym.entity_id 
_struct_asym.details 
A N N 1 ? 
B N N 1 ? 
C N N 1 ? 
D N N 1 ? 
E N N 2 ? 
F N N 3 ? 
G N N 3 ? 
H N N 4 ? 
I N N 4 ? 
J N N 4 ? 
K N N 4 ? 
# 
_struct_biol.id        1 
_struct_biol.details   ? 
# 
loop_
_struct_sheet.id 
_struct_sheet.type 
_struct_sheet.number_strands 
_struct_sheet.details 
A ? 2 ? 
B ? 2 ? 
# 
loop_
_struct_sheet_order.sheet_id 
_struct_sheet_order.range_id_1 
_struct_sheet_order.range_id_2 
_struct_sheet_order.offset 
_struct_sheet_order.sense 
A 1 2 ? anti-parallel 
B 1 2 ? anti-parallel 
# 
loop_
_struct_sheet_range.sheet_id 
_struct_sheet_range.id 
_struct_sheet_range.beg_label_comp_id 
_struct_sheet_range.beg_label_asym_id 
_struct_sheet_range.beg_label_seq_id 
_struct_sheet_range.pdbx_beg_PDB_ins_code 
_struct_sheet_range.end_label_comp_id 
_struct_sheet_range.end_label_asym_id 
_struct_sheet_range.end_label_seq_id 
_struct_sheet_range.pdbx_end_PDB_ins_code 
_struct_sheet_range.beg_auth_comp_id 
_struct_sheet_range.beg_auth_asym_id 
_struct_sheet_range.beg_auth_seq_id 
_struct_sheet_range.end_auth_comp_id 
_struct_sheet_range.end_auth_asym_id 
_struct_sheet_range.end_auth_seq_id 
A 1 LEU A 2 ? GLU A 10 ? LEU A 2 GLU A 10 
A 2 LEU B 2 ? GLU B 10 ? LEU B 2 GLU B 10 
B 1 LEU C 2 ? GLU C 10 ? LEU C 2 GLU C 10 
B 2 LEU D 2 ? GLU D 10 ? LEU D 2 GLU D 10 
# 
loop_
_pdbx_struct_sheet_hbond.sheet_id 
_pdbx_struct_sheet_hbond.range_id_1 
_pdbx_struct_sheet_hbond.range_id_2 
_pdbx_struct_sheet_hbond.range_1_label_atom_id 
_pdbx_struct_sheet_hbond.range_1_label_comp_id 
_pdbx_struct_sheet_hbond.range_1_label_asym_id 
_pdbx_struct_sheet_hbond.range_1_label_seq_id 
_pdbx_struct_sheet_hbond.range_1_PDB_ins_code 
_pdbx_struct_sheet_hbond.range_1_auth_atom_id 
_pdbx_struct_sheet_hbond.range_1_auth_comp_id 
_pdbx_struct_sheet_hbond.range_1_auth_asym_id 
_pdbx_struct_sheet_hbond.range_1_auth_seq_id 
_pdbx_struct_sheet_hbond.range_2_label_atom_id 
_pdbx_struct_sheet_hbond.range_2_label_comp_id 
_pdbx_struct_sheet_hbond.range_2_label_asym_id 
_pdbx_struct_sheet_hbond.range_2_label_seq_id 
_pdbx_struct_sheet_hbond.range_2_PDB_ins_code 
_pdbx_struct_sheet_hbond.range_2_auth_atom_id 
_pdbx_struct_sheet_hbond.range_2_auth_comp_id 
_pdbx_struct_sheet_hbond.range_2_auth_asym_id 
_pdbx_struct_sheet_hbond.range_2_auth_seq_id 
A 1 2 N ASP A 7 ? N ASP A 7 O LEU B 5 ? O LEU B 5 
B 1 2 N LYS C 3 ? N LYS C 3 O ILE D 9 ? O ILE D 9 
# 
loop_
_struct_site.id 
_struct_site.pdbx_evidence_code 
_struct_site.pdbx_auth_asym_id 
_struct_site.pdbx_auth_comp_id 
_struct_site.pdbx_auth_seq_id 
_struct_site.pdbx_auth_ins_code 
_struct_site.pdbx_num_residues 
_struct_site.details 
AC1 Software A MRD 12 ? 5 'BINDING SITE FOR RESIDUE MRD A 12' 
AC2 Software B MPD 12 ? 5 'BINDING SITE FOR RESIDUE MPD B 12' 
AC3 Software C MPD 12 ? 3 'BINDING SITE FOR RESIDUE MPD C 12' 
# 
loop_
_struct_site_gen.id 
_struct_site_gen.site_id 
_struct_site_gen.pdbx_num_res 
_struct_site_gen.label_comp_id 
_struct_site_gen.label_asym_id 
_struct_site_gen.label_seq_id 
_struct_site_gen.pdbx_auth_ins_code 
_struct_site_gen.auth_comp_id 
_struct_site_gen.auth_asym_id 
_struct_site_gen.auth_seq_id 
_struct_site_gen.label_atom_id 
_struct_site_gen.label_alt_id 
_struct_site_gen.symmetry 
_struct_site_gen.details 
1  AC1 5 VAL A 8  ? VAL A 8  . ? 1_555  ? 
2  AC1 5 HOH H .  ? HOH A 25 . ? 1_555  ? 
3  AC1 5 LEU B 2  ? LEU B 2  . ? 5_555  ? 
4  AC1 5 VAL D 8  ? VAL D 8  . ? 21_444 ? 
5  AC1 5 GLU D 10 ? GLU D 10 . ? 21_444 ? 
6  AC2 5 ASP A 7  ? ASP A 7  . ? 20_454 ? 
7  AC2 5 LEU B 5  ? LEU B 5  . ? 5_555  ? 
8  AC2 5 ILE B 9  ? ILE B 9  . ? 1_555  ? 
9  AC2 5 VAL B 11 ? VAL B 11 . ? 1_555  ? 
10 AC2 5 HOH I .  ? HOH B 34 . ? 5_555  ? 
11 AC3 3 GLU B 10 ? GLU B 10 . ? 1_555  ? 
12 AC3 3 VAL C 8  ? VAL C 8  . ? 1_555  ? 
13 AC3 3 GLU C 10 ? GLU C 10 . ? 1_555  ? 
# 
_atom_sites.entry_id                    3SGP 
_atom_sites.fract_transf_matrix[1][1]   -0.01325144 
_atom_sites.fract_transf_matrix[1][2]   0.00059961 
_atom_sites.fract_transf_matrix[1][3]   0.00747265 
_atom_sites.fract_transf_matrix[2][1]   -0.00622278 
_atom_sites.fract_transf_matrix[2][2]   -0.00934290 
_atom_sites.fract_transf_matrix[2][3]   -0.01028532 
_atom_sites.fract_transf_matrix[3][1]   0.00418056 
_atom_sites.fract_transf_matrix[3][2]   -0.01200630 
_atom_sites.fract_transf_matrix[3][3]   0.00837689 
_atom_sites.fract_transf_vector[1]      -0.193183 
_atom_sites.fract_transf_vector[2]      -0.248403 
_atom_sites.fract_transf_vector[3]      -0.236120 
# 
loop_
_atom_type.symbol 
C 
N 
O 
# 
loop_
_atom_site.group_PDB 
_atom_site.id 
_atom_site.type_symbol 
_atom_site.label_atom_id 
_atom_site.label_alt_id 
_atom_site.label_comp_id 
_atom_site.label_asym_id 
_atom_site.label_entity_id 
_atom_site.label_seq_id 
_atom_site.pdbx_PDB_ins_code 
_atom_site.Cartn_x 
_atom_site.Cartn_y 
_atom_site.Cartn_z 
_atom_site.occupancy 
_atom_site.B_iso_or_equiv 
_atom_site.pdbx_formal_charge 
_atom_site.auth_seq_id 
_atom_site.auth_comp_id 
_atom_site.auth_asym_id 
_atom_site.auth_atom_id 
_atom_site.pdbx_PDB_model_num 
ATOM   1   N N   . LYS A 1 1  ? -5.386  4.615   -6.518  1.00 27.65 ? 1  LYS A N   1 
ATOM   2   C CA  . LYS A 1 1  ? -4.048  4.504   -7.073  1.00 25.35 ? 1  LYS A CA  1 
ATOM   3   C C   . LYS A 1 1  ? -3.039  4.888   -6.002  1.00 19.60 ? 1  LYS A C   1 
ATOM   4   O O   . LYS A 1 1  ? -3.312  5.754   -5.175  1.00 24.69 ? 1  LYS A O   1 
ATOM   5   C CB  . LYS A 1 1  ? -3.905  5.406   -8.301  1.00 29.68 ? 1  LYS A CB  1 
ATOM   6   C CG  . LYS A 1 1  ? -2.767  5.003   -9.215  1.00 35.94 ? 1  LYS A CG  1 
ATOM   7   C CD  . LYS A 1 1  ? -2.516  6.031   -10.301 1.00 36.56 ? 1  LYS A CD  1 
ATOM   8   C CE  . LYS A 1 1  ? -1.088  5.906   -10.813 1.00 37.53 ? 1  LYS A CE  1 
ATOM   9   N NZ  . LYS A 1 1  ? -0.125  5.772   -9.673  1.00 37.10 ? 1  LYS A NZ  1 
ATOM   10  N N   . LEU A 1 2  ? -1.885  4.224   -6.003  1.00 20.77 ? 2  LEU A N   1 
ATOM   11  C CA  . LEU A 1 2  ? -0.808  4.551   -5.071  1.00 18.40 ? 2  LEU A CA  1 
ATOM   12  C C   . LEU A 1 2  ? 0.065   5.675   -5.608  1.00 18.83 ? 2  LEU A C   1 
ATOM   13  O O   . LEU A 1 2  ? 0.747   5.517   -6.626  1.00 22.00 ? 2  LEU A O   1 
ATOM   14  C CB  . LEU A 1 2  ? 0.063   3.328   -4.807  1.00 20.68 ? 2  LEU A CB  1 
ATOM   15  C CG  . LEU A 1 2  ? -0.620  2.155   -4.109  1.00 22.07 ? 2  LEU A CG  1 
ATOM   16  C CD1 . LEU A 1 2  ? 0.397   1.065   -3.831  1.00 24.56 ? 2  LEU A CD1 1 
ATOM   17  C CD2 . LEU A 1 2  ? -1.263  2.629   -2.827  1.00 23.96 ? 2  LEU A CD2 1 
ATOM   18  N N   . LYS A 1 3  ? 0.038   6.809   -4.921  1.00 17.83 ? 3  LYS A N   1 
ATOM   19  C CA  . LYS A 1 3  ? 0.846   7.949   -5.310  1.00 17.47 ? 3  LYS A CA  1 
ATOM   20  C C   . LYS A 1 3  ? 1.961   8.188   -4.304  1.00 15.24 ? 3  LYS A C   1 
ATOM   21  O O   . LYS A 1 3  ? 1.964   7.632   -3.206  1.00 17.87 ? 3  LYS A O   1 
ATOM   22  C CB  . LYS A 1 3  ? -0.024  9.198   -5.400  1.00 20.39 ? 3  LYS A CB  1 
ATOM   23  C CG  . LYS A 1 3  ? -1.166  9.086   -6.378  1.00 27.61 ? 3  LYS A CG  1 
ATOM   24  C CD  . LYS A 1 3  ? -0.676  9.041   -7.807  1.00 29.09 ? 3  LYS A CD  1 
ATOM   25  C CE  . LYS A 1 3  ? -0.152  10.391  -8.254  1.00 30.90 ? 3  LYS A CE  1 
ATOM   26  N NZ  . LYS A 1 3  ? 0.023   10.438  -9.737  1.00 31.35 ? 3  LYS A NZ  1 
ATOM   27  N N   . VAL A 1 4  ? 2.909   9.032   -4.673  1.00 15.91 ? 4  VAL A N   1 
ATOM   28  C CA  . VAL A 1 4  ? 3.982   9.383   -3.766  1.00 16.12 ? 4  VAL A CA  1 
ATOM   29  C C   . VAL A 1 4  ? 4.008   10.891  -3.555  1.00 15.61 ? 4  VAL A C   1 
ATOM   30  O O   . VAL A 1 4  ? 3.859   11.655  -4.504  1.00 17.37 ? 4  VAL A O   1 
ATOM   31  C CB  . VAL A 1 4  ? 5.342   8.920   -4.316  1.00 17.88 ? 4  VAL A CB  1 
ATOM   32  C CG1 . VAL A 1 4  ? 6.488   9.429   -3.437  1.00 19.42 ? 4  VAL A CG1 1 
ATOM   33  C CG2 . VAL A 1 4  ? 5.365   7.407   -4.443  1.00 20.27 ? 4  VAL A CG2 1 
ATOM   34  N N   . LEU A 1 5  ? 4.190   11.308  -2.308  1.00 14.15 ? 5  LEU A N   1 
ATOM   35  C CA  . LEU A 1 5  ? 4.448   12.704  -1.975  1.00 15.01 ? 5  LEU A CA  1 
ATOM   36  C C   . LEU A 1 5  ? 5.713   12.721  -1.133  1.00 12.86 ? 5  LEU A C   1 
ATOM   37  O O   . LEU A 1 5  ? 5.784   12.046  -0.106  1.00 17.12 ? 5  LEU A O   1 
ATOM   38  C CB  . LEU A 1 5  ? 3.271   13.310  -1.204  1.00 16.25 ? 5  LEU A CB  1 
ATOM   39  C CG  . LEU A 1 5  ? 3.350   14.796  -0.834  1.00 17.58 ? 5  LEU A CG  1 
ATOM   40  C CD1 . LEU A 1 5  ? 3.430   15.638  -2.091  1.00 18.92 ? 5  LEU A CD1 1 
ATOM   41  C CD2 . LEU A 1 5  ? 2.150   15.220  0.011   1.00 19.52 ? 5  LEU A CD2 1 
ATOM   42  N N   . GLY A 1 6  ? 6.722   13.465  -1.570  1.00 12.91 ? 6  GLY A N   1 
ATOM   43  C CA  . GLY A 1 6  ? 8.002   13.418  -0.889  1.00 14.30 ? 6  GLY A CA  1 
ATOM   44  C C   . GLY A 1 6  ? 8.780   14.711  -0.900  1.00 12.10 ? 6  GLY A C   1 
ATOM   45  O O   . GLY A 1 6  ? 8.336   15.722  -1.451  1.00 13.57 ? 6  GLY A O   1 
ATOM   46  N N   . ASP A 1 7  ? 9.948   14.659  -0.282  1.00 13.95 ? 7  ASP A N   1 
ATOM   47  C CA  . ASP A 1 7  ? 10.811  15.816  -0.134  1.00 13.86 ? 7  ASP A CA  1 
ATOM   48  C C   . ASP A 1 7  ? 12.199  15.488  -0.641  1.00 12.48 ? 7  ASP A C   1 
ATOM   49  O O   . ASP A 1 7  ? 12.596  14.321  -0.662  1.00 13.67 ? 7  ASP A O   1 
ATOM   50  C CB  . ASP A 1 7  ? 10.905  16.227  1.334   1.00 16.61 ? 7  ASP A CB  1 
ATOM   51  C CG  . ASP A 1 7  ? 9.576   16.670  1.893   1.00 17.02 ? 7  ASP A CG  1 
ATOM   52  O OD1 . ASP A 1 7  ? 9.125   17.753  1.499   1.00 19.50 ? 7  ASP A OD1 1 
ATOM   53  O OD2 . ASP A 1 7  ? 8.985   15.937  2.718   1.00 26.03 ? 7  ASP A OD2 1 
ATOM   54  N N   . VAL A 1 8  ? 12.936  16.520  -1.039  1.00 16.63 ? 8  VAL A N   1 
ATOM   55  C CA  . VAL A 1 8  ? 14.313  16.357  -1.475  1.00 14.84 ? 8  VAL A CA  1 
ATOM   56  C C   . VAL A 1 8  ? 15.252  16.864  -0.397  1.00 15.38 ? 8  VAL A C   1 
ATOM   57  O O   . VAL A 1 8  ? 15.071  17.968  0.122   1.00 18.57 ? 8  VAL A O   1 
ATOM   58  C CB  . VAL A 1 8  ? 14.596  17.133  -2.771  1.00 16.79 ? 8  VAL A CB  1 
ATOM   59  C CG1 . VAL A 1 8  ? 16.014  16.885  -3.239  1.00 16.50 ? 8  VAL A CG1 1 
ATOM   60  C CG2 . VAL A 1 8  ? 13.615  16.742  -3.853  1.00 20.24 ? 8  VAL A CG2 1 
ATOM   61  N N   . ILE A 1 9  ? 16.257  16.065  -0.058  1.00 15.20 ? 9  ILE A N   1 
ATOM   62  C CA  . ILE A 1 9  ? 17.259  16.503  0.910   1.00 15.81 ? 9  ILE A CA  1 
ATOM   63  C C   . ILE A 1 9  ? 18.666  16.275  0.391   1.00 14.83 ? 9  ILE A C   1 
ATOM   64  O O   . ILE A 1 9  ? 18.865  15.559  -0.588  1.00 17.82 ? 9  ILE A O   1 
ATOM   65  C CB  . ILE A 1 9  ? 17.111  15.794  2.275   1.00 19.89 ? 9  ILE A CB  1 
ATOM   66  C CG1 . ILE A 1 9  ? 17.415  14.296  2.164   1.00 21.50 ? 9  ILE A CG1 1 
ATOM   67  C CG2 . ILE A 1 9  ? 15.708  15.994  2.828   1.00 25.11 ? 9  ILE A CG2 1 
ATOM   68  C CD1 . ILE A 1 9  ? 17.472  13.572  3.512   1.00 25.95 ? 9  ILE A CD1 1 
ATOM   69  N N   . GLU A 1 10 ? 19.635  16.905  1.047   1.00 17.95 ? 10 GLU A N   1 
ATOM   70  C CA  . GLU A 1 10 ? 21.036  16.706  0.733   1.00 18.78 ? 10 GLU A CA  1 
ATOM   71  C C   . GLU A 1 10 ? 21.627  15.845  1.831   1.00 18.80 ? 10 GLU A C   1 
ATOM   72  O O   . GLU A 1 10 ? 21.524  16.177  3.018   1.00 22.24 ? 10 GLU A O   1 
ATOM   73  C CB  . GLU A 1 10 ? 21.754  18.053  0.700   1.00 22.04 ? 10 GLU A CB  1 
ATOM   74  C CG  . GLU A 1 10 ? 23.260  17.970  0.541   1.00 23.59 ? 10 GLU A CG  1 
ATOM   75  C CD  . GLU A 1 10 ? 23.679  17.636  -0.870  1.00 28.48 ? 10 GLU A CD  1 
ATOM   76  O OE1 . GLU A 1 10 ? 22.823  17.706  -1.771  1.00 29.61 ? 10 GLU A OE1 1 
ATOM   77  O OE2 . GLU A 1 10 ? 24.866  17.302  -1.081  1.00 34.52 ? 10 GLU A OE2 1 
ATOM   78  N N   . VAL A 1 11 ? 22.219  14.725  1.441   1.00 19.91 ? 11 VAL A N   1 
ATOM   79  C CA  . VAL A 1 11 ? 22.812  13.815  2.411   1.00 18.27 ? 11 VAL A CA  1 
ATOM   80  C C   . VAL A 1 11 ? 24.293  13.606  2.138   1.00 20.51 ? 11 VAL A C   1 
ATOM   81  O O   . VAL A 1 11 ? 24.792  13.955  1.060   1.00 23.83 ? 11 VAL A O   1 
ATOM   82  C CB  . VAL A 1 11 ? 22.122  12.458  2.388   1.00 18.78 ? 11 VAL A CB  1 
ATOM   83  C CG1 . VAL A 1 11 ? 20.675  12.595  2.823   1.00 21.30 ? 11 VAL A CG1 1 
ATOM   84  C CG2 . VAL A 1 11 ? 22.232  11.850  1.009   1.00 21.31 ? 11 VAL A CG2 1 
ATOM   85  O OXT . VAL A 1 11 ? 25.004  13.079  3.002   1.00 22.84 ? 11 VAL A OXT 1 
ATOM   86  N N   A LYS B 1 1  ? 24.916  14.719  -1.534  0.52 17.83 ? 1  LYS B N   1 
ATOM   87  N N   B LYS B 1 1  ? 24.801  14.568  -2.666  0.48 29.07 ? 1  LYS B N   1 
ATOM   88  C CA  A LYS B 1 1  ? 24.144  14.092  -2.594  0.52 17.31 ? 1  LYS B CA  1 
ATOM   89  C CA  B LYS B 1 1  ? 23.803  13.725  -3.304  0.48 26.54 ? 1  LYS B CA  1 
ATOM   90  C C   A LYS B 1 1  ? 22.656  14.277  -2.336  0.52 14.72 ? 1  LYS B C   1 
ATOM   91  C C   B LYS B 1 1  ? 22.396  14.220  -2.980  0.48 22.67 ? 1  LYS B C   1 
ATOM   92  O O   A LYS B 1 1  ? 22.208  14.177  -1.198  0.52 17.32 ? 1  LYS B O   1 
ATOM   93  O O   B LYS B 1 1  ? 22.111  14.572  -1.837  0.48 24.82 ? 1  LYS B O   1 
ATOM   94  C CB  A LYS B 1 1  ? 24.497  12.609  -2.661  0.52 20.22 ? 1  LYS B CB  1 
ATOM   95  C CB  B LYS B 1 1  ? 23.969  12.280  -2.832  0.48 27.36 ? 1  LYS B CB  1 
ATOM   96  C CG  A LYS B 1 1  ? 23.528  11.743  -3.428  0.52 23.40 ? 1  LYS B CG  1 
ATOM   97  C CG  B LYS B 1 1  ? 23.277  11.244  -3.700  0.48 28.26 ? 1  LYS B CG  1 
ATOM   98  C CD  A LYS B 1 1  ? 24.000  10.299  -3.379  0.52 24.35 ? 1  LYS B CD  1 
ATOM   99  C CD  B LYS B 1 1  ? 23.671  9.839   -3.275  0.48 26.29 ? 1  LYS B CD  1 
ATOM   100 C CE  A LYS B 1 1  ? 22.889  9.328   -3.709  0.52 24.99 ? 1  LYS B CE  1 
ATOM   101 C CE  B LYS B 1 1  ? 23.366  8.821   -4.361  0.48 28.55 ? 1  LYS B CE  1 
ATOM   102 N NZ  A LYS B 1 1  ? 23.359  7.920   -3.575  0.52 27.21 ? 1  LYS B NZ  1 
ATOM   103 N NZ  B LYS B 1 1  ? 23.970  7.496   -4.044  0.48 29.89 ? 1  LYS B NZ  1 
ATOM   104 N N   A LEU B 1 2  ? 21.890  14.570  -3.383  0.52 13.68 ? 2  LEU B N   1 
ATOM   105 N N   B LEU B 1 2  ? 21.521  14.258  -3.984  0.48 22.18 ? 2  LEU B N   1 
ATOM   106 C CA  A LEU B 1 2  ? 20.438  14.688  -3.245  0.52 14.16 ? 2  LEU B CA  1 
ATOM   107 C CA  B LEU B 1 2  ? 20.111  14.582  -3.754  0.48 20.97 ? 2  LEU B CA  1 
ATOM   108 C C   A LEU B 1 2  ? 19.811  13.329  -2.978  0.52 13.91 ? 2  LEU B C   1 
ATOM   109 C C   B LEU B 1 2  ? 19.292  13.328  -3.482  0.48 21.05 ? 2  LEU B C   1 
ATOM   110 O O   A LEU B 1 2  ? 20.288  12.309  -3.473  0.52 12.60 ? 2  LEU B O   1 
ATOM   111 O O   B LEU B 1 2  ? 19.088  12.502  -4.372  0.48 22.48 ? 2  LEU B O   1 
ATOM   112 C CB  A LEU B 1 2  ? 19.809  15.258  -4.513  0.52 15.60 ? 2  LEU B CB  1 
ATOM   113 C CB  B LEU B 1 2  ? 19.505  15.330  -4.940  0.48 17.82 ? 2  LEU B CB  1 
ATOM   114 C CG  A LEU B 1 2  ? 20.305  16.615  -4.995  0.52 16.26 ? 2  LEU B CG  1 
ATOM   115 C CG  B LEU B 1 2  ? 19.922  16.792  -5.109  0.48 17.89 ? 2  LEU B CG  1 
ATOM   116 C CD1 A LEU B 1 2  ? 19.448  17.088  -6.152  0.52 17.73 ? 2  LEU B CD1 1 
ATOM   117 C CD1 B LEU B 1 2  ? 19.048  17.462  -6.156  0.48 20.80 ? 2  LEU B CD1 1 
ATOM   118 C CD2 A LEU B 1 2  ? 20.283  17.628  -3.859  0.52 15.73 ? 2  LEU B CD2 1 
ATOM   119 C CD2 B LEU B 1 2  ? 19.837  17.540  -3.781  0.48 16.03 ? 2  LEU B CD2 1 
ATOM   120 N N   A LYS B 1 3  ? 18.709  13.327  -2.233  0.52 13.22 ? 3  LYS B N   1 
ATOM   121 N N   B LYS B 1 3  ? 18.816  13.197  -2.250  0.48 17.95 ? 3  LYS B N   1 
ATOM   122 C CA  A LYS B 1 3  ? 18.015  12.092  -1.890  0.52 13.49 ? 3  LYS B CA  1 
ATOM   123 C CA  B LYS B 1 3  ? 18.005  12.052  -1.865  0.48 14.72 ? 3  LYS B CA  1 
ATOM   124 C C   A LYS B 1 3  ? 16.547  12.384  -1.600  0.52 12.95 ? 3  LYS B C   1 
ATOM   125 C C   B LYS B 1 3  ? 16.540  12.447  -1.813  0.48 13.19 ? 3  LYS B C   1 
ATOM   126 O O   A LYS B 1 3  ? 16.214  13.432  -1.042  0.52 14.78 ? 3  LYS B O   1 
ATOM   127 O O   B LYS B 1 3  ? 16.205  13.618  -1.625  0.48 15.82 ? 3  LYS B O   1 
ATOM   128 C CB  A LYS B 1 3  ? 18.684  11.429  -0.683  0.52 16.19 ? 3  LYS B CB  1 
ATOM   129 C CB  B LYS B 1 3  ? 18.450  11.516  -0.501  0.48 16.38 ? 3  LYS B CB  1 
ATOM   130 C CG  A LYS B 1 3  ? 18.412  9.946   -0.558  0.52 15.90 ? 3  LYS B CG  1 
ATOM   131 C CG  B LYS B 1 3  ? 18.358  10.009  -0.367  0.48 17.97 ? 3  LYS B CG  1 
ATOM   132 C CD  A LYS B 1 3  ? 19.240  9.126   -1.546  0.52 14.16 ? 3  LYS B CD  1 
ATOM   133 C CD  B LYS B 1 3  ? 19.265  9.307   -1.369  0.48 19.26 ? 3  LYS B CD  1 
ATOM   134 C CE  A LYS B 1 3  ? 18.844  7.667   -1.466  0.52 15.14 ? 3  LYS B CE  1 
ATOM   135 C CE  B LYS B 1 3  ? 19.071  7.805   -1.314  0.48 19.20 ? 3  LYS B CE  1 
ATOM   136 N NZ  A LYS B 1 3  ? 19.717  6.786   -2.273  0.52 14.65 ? 3  LYS B NZ  1 
ATOM   137 N NZ  B LYS B 1 3  ? 19.858  7.100   -2.355  0.48 19.32 ? 3  LYS B NZ  1 
ATOM   138 N N   . VAL B 1 4  ? 15.667  11.465  -1.987  1.00 12.67 ? 4  VAL B N   1 
ATOM   139 C CA  . VAL B 1 4  ? 14.238  11.673  -1.820  1.00 12.50 ? 4  VAL B CA  1 
ATOM   140 C C   . VAL B 1 4  ? 13.720  10.803  -0.683  1.00 12.73 ? 4  VAL B C   1 
ATOM   141 O O   . VAL B 1 4  ? 14.005  9.600   -0.624  1.00 14.13 ? 4  VAL B O   1 
ATOM   142 C CB  . VAL B 1 4  ? 13.465  11.352  -3.113  1.00 13.89 ? 4  VAL B CB  1 
ATOM   143 C CG1 . VAL B 1 4  ? 11.966  11.446  -2.887  1.00 14.11 ? 4  VAL B CG1 1 
ATOM   144 C CG2 . VAL B 1 4  ? 13.909  12.283  -4.228  1.00 15.04 ? 4  VAL B CG2 1 
ATOM   145 N N   . LEU B 1 5  ? 12.972  11.431  0.218   1.00 12.99 ? 5  LEU B N   1 
ATOM   146 C CA  . LEU B 1 5  ? 12.250  10.741  1.281   1.00 12.99 ? 5  LEU B CA  1 
ATOM   147 C C   . LEU B 1 5  ? 10.788  11.082  1.123   1.00 14.19 ? 5  LEU B C   1 
ATOM   148 O O   . LEU B 1 5  ? 10.436  12.239  0.926   1.00 20.22 ? 5  LEU B O   1 
ATOM   149 C CB  . LEU B 1 5  ? 12.717  11.217  2.654   1.00 15.58 ? 5  LEU B CB  1 
ATOM   150 C CG  . LEU B 1 5  ? 14.171  10.972  3.037   1.00 19.99 ? 5  LEU B CG  1 
ATOM   151 C CD1 . LEU B 1 5  ? 14.477  11.674  4.351   1.00 23.69 ? 5  LEU B CD1 1 
ATOM   152 C CD2 . LEU B 1 5  ? 14.453  9.486   3.143   1.00 25.60 ? 5  LEU B CD2 1 
ATOM   153 N N   . GLY B 1 6  ? 9.918   10.097  1.212   1.00 14.23 ? 6  GLY B N   1 
ATOM   154 C CA  . GLY B 1 6  ? 8.521   10.402  1.006   1.00 16.10 ? 6  GLY B CA  1 
ATOM   155 C C   . GLY B 1 6  ? 7.595   9.339   1.517   1.00 15.13 ? 6  GLY B C   1 
ATOM   156 O O   . GLY B 1 6  ? 8.015   8.377   2.167   1.00 16.70 ? 6  GLY B O   1 
ATOM   157 N N   . ASP B 1 7  ? 6.320   9.534   1.218   1.00 14.92 ? 7  ASP B N   1 
ATOM   158 C CA  . ASP B 1 7  ? 5.268   8.646   1.666   1.00 15.88 ? 7  ASP B CA  1 
ATOM   159 C C   . ASP B 1 7  ? 4.458   8.154   0.496   1.00 15.90 ? 7  ASP B C   1 
ATOM   160 O O   . ASP B 1 7  ? 4.302   8.851   -0.499  1.00 15.31 ? 7  ASP B O   1 
ATOM   161 C CB  . ASP B 1 7  ? 4.342   9.374   2.634   1.00 19.30 ? 7  ASP B CB  1 
ATOM   162 C CG  . ASP B 1 7  ? 5.045   9.783   3.899   1.00 20.49 ? 7  ASP B CG  1 
ATOM   163 O OD1 . ASP B 1 7  ? 5.334   8.887   4.721   1.00 22.50 ? 7  ASP B OD1 1 
ATOM   164 O OD2 . ASP B 1 7  ? 5.304   10.992  4.078   1.00 26.25 ? 7  ASP B OD2 1 
ATOM   165 N N   . VAL B 1 8  ? 3.958   6.938   0.628   1.00 18.06 ? 8  VAL B N   1 
ATOM   166 C CA  . VAL B 1 8  ? 2.965   6.423   -0.288  1.00 16.62 ? 8  VAL B CA  1 
ATOM   167 C C   . VAL B 1 8  ? 1.583   6.783   0.234   1.00 18.41 ? 8  VAL B C   1 
ATOM   168 O O   . VAL B 1 8  ? 1.292   6.627   1.421   1.00 22.19 ? 8  VAL B O   1 
ATOM   169 C CB  . VAL B 1 8  ? 3.081   4.906   -0.448  1.00 18.29 ? 8  VAL B CB  1 
ATOM   170 C CG1 . VAL B 1 8  ? 2.007   4.394   -1.391  1.00 18.60 ? 8  VAL B CG1 1 
ATOM   171 C CG2 . VAL B 1 8  ? 4.471   4.543   -0.951  1.00 18.75 ? 8  VAL B CG2 1 
ATOM   172 N N   . ILE B 1 9  ? 0.736   7.270   -0.661  1.00 17.57 ? 9  ILE B N   1 
ATOM   173 C CA  . ILE B 1 9  ? -0.614  7.651   -0.296  1.00 21.59 ? 9  ILE B CA  1 
ATOM   174 C C   . ILE B 1 9  ? -1.611  7.083   -1.299  1.00 20.72 ? 9  ILE B C   1 
ATOM   175 O O   . ILE B 1 9  ? -1.345  7.031   -2.494  1.00 23.23 ? 9  ILE B O   1 
ATOM   176 C CB  . ILE B 1 9  ? -0.768  9.178   -0.228  1.00 23.70 ? 9  ILE B CB  1 
ATOM   177 C CG1 . ILE B 1 9  ? -0.482  9.798   -1.590  1.00 30.70 ? 9  ILE B CG1 1 
ATOM   178 C CG2 . ILE B 1 9  ? 0.166   9.763   0.820   1.00 26.17 ? 9  ILE B CG2 1 
ATOM   179 N N   . GLU B 1 10 ? -2.757  6.646   -0.802  1.00 21.30 ? 10 GLU B N   1 
ATOM   180 C CA  A GLU B 1 10 ? -3.807  6.134   -1.669  0.53 21.40 ? 10 GLU B CA  1 
ATOM   181 C CA  B GLU B 1 10 ? -3.809  6.126   -1.659  0.47 22.70 ? 10 GLU B CA  1 
ATOM   182 C C   . GLU B 1 10 ? -4.724  7.266   -2.082  1.00 25.25 ? 10 GLU B C   1 
ATOM   183 O O   . GLU B 1 10 ? -5.276  7.971   -1.234  1.00 26.84 ? 10 GLU B O   1 
ATOM   184 C CB  A GLU B 1 10 ? -4.627  5.064   -0.957  0.53 22.66 ? 10 GLU B CB  1 
ATOM   185 C CB  B GLU B 1 10 ? -4.610  5.062   -0.906  0.47 25.98 ? 10 GLU B CB  1 
ATOM   186 C CG  A GLU B 1 10 ? -5.949  4.769   -1.641  0.53 22.40 ? 10 GLU B CG  1 
ATOM   187 C CG  B GLU B 1 10 ? -5.702  4.392   -1.716  0.47 28.96 ? 10 GLU B CG  1 
ATOM   188 C CD  A GLU B 1 10 ? -5.763  4.081   -2.976  0.53 23.04 ? 10 GLU B CD  1 
ATOM   189 C CD  B GLU B 1 10 ? -5.153  3.427   -2.743  0.47 30.59 ? 10 GLU B CD  1 
ATOM   190 O OE1 A GLU B 1 10 ? -6.635  4.240   -3.862  0.53 21.32 ? 10 GLU B OE1 1 
ATOM   191 O OE1 B GLU B 1 10 ? -5.221  2.200   -2.510  0.47 30.91 ? 10 GLU B OE1 1 
ATOM   192 O OE2 A GLU B 1 10 ? -4.748  3.370   -3.129  0.53 27.23 ? 10 GLU B OE2 1 
ATOM   193 O OE2 B GLU B 1 10 ? -4.660  3.894   -3.789  0.47 31.99 ? 10 GLU B OE2 1 
ATOM   194 N N   . VAL B 1 11 ? -4.886  7.446   -3.387  1.00 25.85 ? 11 VAL B N   1 
ATOM   195 C CA  . VAL B 1 11 ? -5.788  8.481   -3.879  1.00 32.91 ? 11 VAL B CA  1 
ATOM   196 C C   . VAL B 1 11 ? -6.859  7.871   -4.777  1.00 34.07 ? 11 VAL B C   1 
ATOM   197 O O   . VAL B 1 11 ? -8.054  7.975   -4.493  1.00 38.71 ? 11 VAL B O   1 
ATOM   198 C CB  . VAL B 1 11 ? -5.037  9.617   -4.617  1.00 35.20 ? 11 VAL B CB  1 
ATOM   199 C CG1 . VAL B 1 11 ? -3.922  10.174  -3.746  1.00 37.78 ? 11 VAL B CG1 1 
ATOM   200 C CG2 . VAL B 1 11 ? -4.495  9.137   -5.948  1.00 36.29 ? 11 VAL B CG2 1 
ATOM   201 O OXT . VAL B 1 11 ? -6.561  7.245   -5.791  1.00 35.92 ? 11 VAL B OXT 1 
ATOM   202 N N   . LYS C 1 1  ? -16.295 -23.779 -5.979  1.00 33.38 ? 1  LYS C N   1 
ATOM   203 C CA  . LYS C 1 1  ? -14.929 -23.413 -5.649  1.00 26.22 ? 1  LYS C CA  1 
ATOM   204 C C   . LYS C 1 1  ? -14.921 -22.228 -4.684  1.00 19.61 ? 1  LYS C C   1 
ATOM   205 O O   . LYS C 1 1  ? -15.591 -21.229 -4.922  1.00 23.25 ? 1  LYS C O   1 
ATOM   206 C CB  . LYS C 1 1  ? -14.176 -23.050 -6.928  1.00 27.69 ? 1  LYS C CB  1 
ATOM   207 C CG  . LYS C 1 1  ? -12.707 -22.762 -6.738  1.00 28.10 ? 1  LYS C CG  1 
ATOM   208 C CD  . LYS C 1 1  ? -12.064 -22.399 -8.068  1.00 28.23 ? 1  LYS C CD  1 
ATOM   209 C CE  . LYS C 1 1  ? -10.600 -22.031 -7.908  1.00 33.49 ? 1  LYS C CE  1 
ATOM   210 N NZ  . LYS C 1 1  ? -9.982  -21.738 -9.228  1.00 33.02 ? 1  LYS C NZ  1 
ATOM   211 N N   A LEU C 1 2  ? -14.094 -22.303 -3.641  0.59 21.84 ? 2  LEU C N   1 
ATOM   212 N N   B LEU C 1 2  ? -14.243 -22.386 -3.558  0.41 18.54 ? 2  LEU C N   1 
ATOM   213 C CA  A LEU C 1 2  ? -14.002 -21.229 -2.641  0.59 18.87 ? 2  LEU C CA  1 
ATOM   214 C CA  B LEU C 1 2  ? -14.124 -21.278 -2.638  0.41 16.17 ? 2  LEU C CA  1 
ATOM   215 C C   A LEU C 1 2  ? -12.999 -20.118 -2.977  0.59 19.37 ? 2  LEU C C   1 
ATOM   216 C C   B LEU C 1 2  ? -13.252 -20.245 -3.311  0.41 15.24 ? 2  LEU C C   1 
ATOM   217 O O   A LEU C 1 2  ? -11.779 -20.336 -2.966  0.59 16.95 ? 2  LEU C O   1 
ATOM   218 O O   B LEU C 1 2  ? -12.416 -20.574 -4.148  0.41 12.30 ? 2  LEU C O   1 
ATOM   219 C CB  A LEU C 1 2  ? -13.662 -21.806 -1.267  0.59 16.77 ? 2  LEU C CB  1 
ATOM   220 C CB  B LEU C 1 2  ? -13.518 -21.722 -1.308  0.41 17.30 ? 2  LEU C CB  1 
ATOM   221 C CG  A LEU C 1 2  ? -14.598 -22.880 -0.713  0.59 13.98 ? 2  LEU C CG  1 
ATOM   222 C CG  B LEU C 1 2  ? -14.441 -22.574 -0.436  0.41 16.78 ? 2  LEU C CG  1 
ATOM   223 C CD1 A LEU C 1 2  ? -14.129 -23.297 0.670   0.59 17.41 ? 2  LEU C CD1 1 
ATOM   224 C CD1 B LEU C 1 2  ? -13.824 -22.779 0.936   0.41 17.69 ? 2  LEU C CD1 1 
ATOM   225 C CD2 A LEU C 1 2  ? -16.037 -22.381 -0.666  0.59 15.73 ? 2  LEU C CD2 1 
ATOM   226 C CD2 B LEU C 1 2  ? -15.808 -21.916 -0.316  0.41 16.66 ? 2  LEU C CD2 1 
ATOM   227 N N   A LYS C 1 3  ? -13.531 -18.921 -3.230  0.59 16.39 ? 3  LYS C N   1 
ATOM   228 N N   B LYS C 1 3  ? -13.483 -18.987 -2.966  0.41 14.11 ? 3  LYS C N   1 
ATOM   229 C CA  A LYS C 1 3  ? -12.738 -17.759 -3.620  0.59 13.58 ? 3  LYS C CA  1 
ATOM   230 C CA  B LYS C 1 3  ? -12.624 -17.903 -3.398  0.41 14.82 ? 3  LYS C CA  1 
ATOM   231 C C   A LYS C 1 3  ? -12.756 -16.685 -2.528  0.59 11.76 ? 3  LYS C C   1 
ATOM   232 C C   B LYS C 1 3  ? -12.577 -16.896 -2.277  0.41 14.05 ? 3  LYS C C   1 
ATOM   233 O O   A LYS C 1 3  ? -13.756 -16.515 -1.825  0.59 14.20 ? 3  LYS C O   1 
ATOM   234 O O   B LYS C 1 3  ? -13.356 -16.964 -1.321  0.41 12.77 ? 3  LYS C O   1 
ATOM   235 C CB  A LYS C 1 3  ? -13.280 -17.172 -4.924  0.59 13.94 ? 3  LYS C CB  1 
ATOM   236 C CB  B LYS C 1 3  ? -13.152 -17.245 -4.671  0.41 18.12 ? 3  LYS C CB  1 
ATOM   237 C CG  A LYS C 1 3  ? -12.247 -16.444 -5.748  0.59 12.05 ? 3  LYS C CG  1 
ATOM   238 C CG  B LYS C 1 3  ? -13.129 -18.153 -5.882  0.41 18.65 ? 3  LYS C CG  1 
ATOM   239 C CD  A LYS C 1 3  ? -11.247 -17.416 -6.368  0.59 11.22 ? 3  LYS C CD  1 
ATOM   240 C CD  B LYS C 1 3  ? -11.715 -18.496 -6.319  0.41 18.54 ? 3  LYS C CD  1 
ATOM   241 C CE  A LYS C 1 3  ? -10.091 -16.671 -7.015  0.59 12.80 ? 3  LYS C CE  1 
ATOM   242 C CE  B LYS C 1 3  ? -10.978 -17.274 -6.836  0.41 17.64 ? 3  LYS C CE  1 
ATOM   243 N NZ  A LYS C 1 3  ? -9.199  -17.566 -7.810  0.59 13.96 ? 3  LYS C NZ  1 
ATOM   244 N NZ  B LYS C 1 3  ? -9.719  -17.650 -7.539  0.41 18.12 ? 3  LYS C NZ  1 
ATOM   245 N N   . VAL C 1 4  ? -11.648 -15.964 -2.391  1.00 10.96 ? 4  VAL C N   1 
ATOM   246 C CA  . VAL C 1 4  ? -11.532 -14.913 -1.402  1.00 11.26 ? 4  VAL C CA  1 
ATOM   247 C C   . VAL C 1 4  ? -11.504 -13.576 -2.104  1.00 10.80 ? 4  VAL C C   1 
ATOM   248 O O   . VAL C 1 4  ? -10.767 -13.399 -3.072  1.00 11.12 ? 4  VAL C O   1 
ATOM   249 C CB  . VAL C 1 4  ? -10.271 -15.121 -0.548  1.00 11.69 ? 4  VAL C CB  1 
ATOM   250 C CG1 . VAL C 1 4  ? -10.023 -13.942 0.390   1.00 14.18 ? 4  VAL C CG1 1 
ATOM   251 C CG2 . VAL C 1 4  ? -10.377 -16.437 0.212   1.00 12.64 ? 4  VAL C CG2 1 
ATOM   252 N N   . LEU C 1 5  ? -12.353 -12.661 -1.634  1.00 11.07 ? 5  LEU C N   1 
ATOM   253 C CA  . LEU C 1 5  ? -12.353 -11.267 -2.071  1.00 11.79 ? 5  LEU C CA  1 
ATOM   254 C C   . LEU C 1 5  ? -12.109 -10.435 -0.838  1.00 11.97 ? 5  LEU C C   1 
ATOM   255 O O   . LEU C 1 5  ? -12.711 -10.678 0.194   1.00 18.04 ? 5  LEU C O   1 
ATOM   256 C CB  . LEU C 1 5  ? -13.712 -10.866 -2.655  1.00 15.28 ? 5  LEU C CB  1 
ATOM   257 C CG  . LEU C 1 5  ? -13.946 -10.934 -4.161  1.00 29.23 ? 5  LEU C CG  1 
ATOM   258 C CD1 . LEU C 1 5  ? -13.543 -12.280 -4.723  1.00 33.05 ? 5  LEU C CD1 1 
ATOM   259 C CD2 . LEU C 1 5  ? -15.412 -10.614 -4.465  1.00 29.92 ? 5  LEU C CD2 1 
ATOM   260 N N   . GLY C 1 6  ? -11.259 -9.430  -0.929  1.00 12.83 ? 6  GLY C N   1 
ATOM   261 C CA  . GLY C 1 6  ? -11.008 -8.640  0.253   1.00 15.23 ? 6  GLY C CA  1 
ATOM   262 C C   . GLY C 1 6  ? -10.294 -7.336  0.008   1.00 11.06 ? 6  GLY C C   1 
ATOM   263 O O   . GLY C 1 6  ? -10.072 -6.932  -1.145  1.00 12.20 ? 6  GLY C O   1 
ATOM   264 N N   . ASP C 1 7  ? -9.946  -6.687  1.117   1.00 11.73 ? 7  ASP C N   1 
ATOM   265 C CA  . ASP C 1 7  ? -9.279  -5.399  1.123   1.00 11.14 ? 7  ASP C CA  1 
ATOM   266 C C   . ASP C 1 7  ? -7.901  -5.520  1.731   1.00 11.47 ? 7  ASP C C   1 
ATOM   267 O O   . ASP C 1 7  ? -7.706  -6.296  2.651   1.00 11.81 ? 7  ASP C O   1 
ATOM   268 C CB  . ASP C 1 7  ? -10.075 -4.421  1.970   1.00 12.60 ? 7  ASP C CB  1 
ATOM   269 C CG  . ASP C 1 7  ? -11.404 -4.098  1.368   1.00 18.05 ? 7  ASP C CG  1 
ATOM   270 O OD1 . ASP C 1 7  ? -11.406 -3.529  0.271   1.00 23.37 ? 7  ASP C OD1 1 
ATOM   271 O OD2 . ASP C 1 7  ? -12.443 -4.391  1.992   1.00 26.16 ? 7  ASP C OD2 1 
ATOM   272 N N   . VAL C 1 8  ? -6.953  -4.744  1.213   1.00 11.64 ? 8  VAL C N   1 
ATOM   273 C CA  . VAL C 1 8  ? -5.695  -4.526  1.900   1.00 10.93 ? 8  VAL C CA  1 
ATOM   274 C C   . VAL C 1 8  ? -5.885  -3.372  2.864   1.00 13.52 ? 8  VAL C C   1 
ATOM   275 O O   . VAL C 1 8  ? -6.447  -2.335  2.493   1.00 16.11 ? 8  VAL C O   1 
ATOM   276 C CB  . VAL C 1 8  ? -4.564  -4.203  0.920   1.00 11.53 ? 8  VAL C CB  1 
ATOM   277 C CG1 . VAL C 1 8  ? -3.276  -3.874  1.674   1.00 13.44 ? 8  VAL C CG1 1 
ATOM   278 C CG2 . VAL C 1 8  ? -4.337  -5.378  -0.008  1.00 13.09 ? 8  VAL C CG2 1 
ATOM   279 N N   . ILE C 1 9  ? -5.409  -3.554  4.093   1.00 12.82 ? 9  ILE C N   1 
ATOM   280 C CA  A ILE C 1 9  ? -5.477  -2.500  5.091   0.53 14.71 ? 9  ILE C CA  1 
ATOM   281 C CA  B ILE C 1 9  ? -5.505  -2.549  5.148   0.47 14.58 ? 9  ILE C CA  1 
ATOM   282 C C   . ILE C 1 9  ? -4.123  -2.303  5.748   1.00 15.16 ? 9  ILE C C   1 
ATOM   283 O O   . ILE C 1 9  ? -3.351  -3.239  5.916   1.00 20.76 ? 9  ILE C O   1 
ATOM   284 C CB  A ILE C 1 9  ? -6.520  -2.797  6.175   0.53 16.45 ? 9  ILE C CB  1 
ATOM   285 C CB  B ILE C 1 9  ? -6.444  -3.019  6.282   0.47 19.64 ? 9  ILE C CB  1 
ATOM   286 C CG1 A ILE C 1 9  ? -6.180  -4.108  6.881   0.53 15.33 ? 9  ILE C CG1 1 
ATOM   287 C CG1 B ILE C 1 9  ? -7.859  -3.269  5.757   0.47 18.88 ? 9  ILE C CG1 1 
ATOM   288 C CG2 A ILE C 1 9  ? -7.921  -2.836  5.578   0.53 18.33 ? 9  ILE C CG2 1 
ATOM   289 C CG2 B ILE C 1 9  ? -6.468  -2.012  7.426   0.47 21.29 ? 9  ILE C CG2 1 
ATOM   290 C CD1 A ILE C 1 9  ? -6.965  -4.328  8.150   0.53 19.41 ? 9  ILE C CD1 1 
ATOM   291 C CD1 B ILE C 1 9  ? -8.853  -3.632  6.842   0.47 18.61 ? 9  ILE C CD1 1 
ATOM   292 N N   . GLU C 1 10 ? -3.816  -1.064  6.095   1.00 14.47 ? 10 GLU C N   1 
ATOM   293 C CA  A GLU C 1 10 ? -2.555  -0.803  6.775   0.56 15.37 ? 10 GLU C CA  1 
ATOM   294 C CA  B GLU C 1 10 ? -2.564  -0.760  6.773   0.44 15.73 ? 10 GLU C CA  1 
ATOM   295 C C   . GLU C 1 10 ? -2.741  -0.849  8.287   1.00 16.59 ? 10 GLU C C   1 
ATOM   296 O O   . GLU C 1 10 ? -3.675  -0.258  8.848   1.00 19.74 ? 10 GLU C O   1 
ATOM   297 C CB  A GLU C 1 10 ? -1.934  0.529   6.336   0.56 19.30 ? 10 GLU C CB  1 
ATOM   298 C CB  B GLU C 1 10 ? -2.088  0.642   6.395   0.44 18.30 ? 10 GLU C CB  1 
ATOM   299 C CG  A GLU C 1 10 ? -0.453  0.671   6.709   0.56 21.76 ? 10 GLU C CG  1 
ATOM   300 C CG  B GLU C 1 10 ? -0.891  1.134   7.188   0.44 19.31 ? 10 GLU C CG  1 
ATOM   301 C CD  A GLU C 1 10 ? 0.208   1.860   6.046   0.56 25.39 ? 10 GLU C CD  1 
ATOM   302 C CD  B GLU C 1 10 ? -0.633  2.610   6.972   0.44 24.29 ? 10 GLU C CD  1 
ATOM   303 O OE1 A GLU C 1 10 ? 1.280   1.684   5.426   0.56 26.72 ? 10 GLU C OE1 1 
ATOM   304 O OE1 B GLU C 1 10 ? -1.545  3.303   6.468   0.44 27.06 ? 10 GLU C OE1 1 
ATOM   305 O OE2 A GLU C 1 10 ? -0.339  2.976   6.152   0.56 27.44 ? 10 GLU C OE2 1 
ATOM   306 O OE2 B GLU C 1 10 ? 0.478   3.076   7.303   0.44 26.39 ? 10 GLU C OE2 1 
ATOM   307 N N   . VAL C 1 11 ? -1.853  -1.575  8.954   1.00 14.73 ? 11 VAL C N   1 
ATOM   308 C CA  . VAL C 1 11 ? -1.868  -1.596  10.410  1.00 16.24 ? 11 VAL C CA  1 
ATOM   309 C C   . VAL C 1 11 ? -0.577  -0.993  10.949  1.00 17.43 ? 11 VAL C C   1 
ATOM   310 O O   . VAL C 1 11 ? -0.532  -0.530  12.084  1.00 18.43 ? 11 VAL C O   1 
ATOM   311 C CB  . VAL C 1 11 ? -2.063  -3.009  10.979  1.00 21.29 ? 11 VAL C CB  1 
ATOM   312 C CG1 . VAL C 1 11 ? -3.314  -3.656  10.398  1.00 23.00 ? 11 VAL C CG1 1 
ATOM   313 C CG2 . VAL C 1 11 ? -0.828  -3.853  10.752  1.00 23.69 ? 11 VAL C CG2 1 
ATOM   314 O OXT . VAL C 1 11 ? 0.439   -0.920  10.247  1.00 20.34 ? 11 VAL C OXT 1 
ATOM   315 N N   . LYS D 1 1  ? 2.331   -2.076  8.440   1.00 18.85 ? 1  LYS D N   1 
ATOM   316 C CA  . LYS D 1 1  ? 2.361   -3.350  7.738   1.00 15.89 ? 1  LYS D CA  1 
ATOM   317 C C   . LYS D 1 1  ? 1.087   -3.520  6.948   1.00 12.66 ? 1  LYS D C   1 
ATOM   318 O O   . LYS D 1 1  ? 0.041   -3.093  7.389   1.00 15.93 ? 1  LYS D O   1 
ATOM   319 C CB  . LYS D 1 1  ? 2.531   -4.509  8.722   1.00 20.80 ? 1  LYS D CB  1 
ATOM   320 C CG  . LYS D 1 1  ? 3.949   -4.633  9.234   1.00 27.22 ? 1  LYS D CG  1 
ATOM   321 C CD  . LYS D 1 1  ? 4.161   -5.912  10.015  1.00 30.56 ? 1  LYS D CD  1 
ATOM   322 C CE  . LYS D 1 1  ? 5.590   -5.961  10.520  1.00 36.72 ? 1  LYS D CE  1 
ATOM   323 N NZ  . LYS D 1 1  ? 6.035   -4.585  10.883  1.00 40.60 ? 1  LYS D NZ  1 
ATOM   324 N N   . LEU D 1 2  ? 1.172   -4.164  5.786   1.00 14.49 ? 2  LEU D N   1 
ATOM   325 C CA  . LEU D 1 2  ? -0.008  -4.395  4.957   1.00 13.36 ? 2  LEU D CA  1 
ATOM   326 C C   . LEU D 1 2  ? -0.655  -5.716  5.334   1.00 11.90 ? 2  LEU D C   1 
ATOM   327 O O   . LEU D 1 2  ? -0.016  -6.776  5.248   1.00 13.91 ? 2  LEU D O   1 
ATOM   328 C CB  . LEU D 1 2  ? 0.368   -4.404  3.474   1.00 14.15 ? 2  LEU D CB  1 
ATOM   329 C CG  . LEU D 1 2  ? 0.930   -3.085  2.942   1.00 14.83 ? 2  LEU D CG  1 
ATOM   330 C CD1 . LEU D 1 2  ? 1.138   -3.189  1.447   1.00 18.58 ? 2  LEU D CD1 1 
ATOM   331 C CD2 . LEU D 1 2  ? -0.021  -1.959  3.284   1.00 16.74 ? 2  LEU D CD2 1 
ATOM   332 N N   . LYS D 1 3  ? -1.919  -5.642  5.741   1.00 11.26 ? 3  LYS D N   1 
ATOM   333 C CA  . LYS D 1 3  ? -2.688  -6.817  6.119   1.00 11.48 ? 3  LYS D CA  1 
ATOM   334 C C   . LYS D 1 3  ? -3.899  -6.957  5.214   1.00 11.16 ? 3  LYS D C   1 
ATOM   335 O O   . LYS D 1 3  ? -4.190  -6.087  4.394   1.00 12.28 ? 3  LYS D O   1 
ATOM   336 C CB  . LYS D 1 3  ? -3.149  -6.705  7.569   1.00 12.99 ? 3  LYS D CB  1 
ATOM   337 C CG  . LYS D 1 3  ? -2.011  -6.568  8.563   1.00 18.07 ? 3  LYS D CG  1 
ATOM   338 C CD  . LYS D 1 3  ? -1.320  -7.890  8.816   1.00 22.11 ? 3  LYS D CD  1 
ATOM   339 C CE  . LYS D 1 3  ? -0.295  -7.781  9.940   1.00 22.31 ? 3  LYS D CE  1 
ATOM   340 N NZ  . LYS D 1 3  ? 0.009   -9.112  10.517  1.00 26.72 ? 3  LYS D NZ  1 
ATOM   341 N N   . VAL D 1 4  ? -4.633  -8.046  5.374   1.00 11.91 ? 4  VAL D N   1 
ATOM   342 C CA  A VAL D 1 4  ? -5.778  -8.320  4.525   0.79 12.09 ? 4  VAL D CA  1 
ATOM   343 C CA  B VAL D 1 4  ? -5.797  -8.254  4.537   0.21 11.54 ? 4  VAL D CA  1 
ATOM   344 C C   . VAL D 1 4  ? -6.983  -8.670  5.378   1.00 12.26 ? 4  VAL D C   1 
ATOM   345 O O   . VAL D 1 4  ? -6.842  -9.362  6.378   1.00 14.90 ? 4  VAL D O   1 
ATOM   346 C CB  A VAL D 1 4  ? -5.487  -9.517  3.610   0.79 15.07 ? 4  VAL D CB  1 
ATOM   347 C CB  B VAL D 1 4  ? -5.545  -9.304  3.441   0.21 12.29 ? 4  VAL D CB  1 
ATOM   348 C CG1 A VAL D 1 4  ? -6.725  -9.900  2.806   0.79 16.94 ? 4  VAL D CG1 1 
ATOM   349 C CG1 B VAL D 1 4  ? -4.326  -8.923  2.613   0.21 14.02 ? 4  VAL D CG1 1 
ATOM   350 C CG2 A VAL D 1 4  ? -4.315  -9.205  2.692   0.79 18.47 ? 4  VAL D CG2 1 
ATOM   351 C CG2 B VAL D 1 4  ? -5.375  -10.677 4.054   0.21 11.03 ? 4  VAL D CG2 1 
ATOM   352 N N   . LEU D 1 5  ? -8.151  -8.197  4.971   1.00 10.72 ? 5  LEU D N   1 
ATOM   353 C CA  . LEU D 1 5  ? -9.410  -8.551  5.600   1.00 11.43 ? 5  LEU D CA  1 
ATOM   354 C C   . LEU D 1 5  ? -10.333 -8.892  4.455   1.00 11.26 ? 5  LEU D C   1 
ATOM   355 O O   . LEU D 1 5  ? -10.566 -8.049  3.590   1.00 13.65 ? 5  LEU D O   1 
ATOM   356 C CB  . LEU D 1 5  ? -9.954  -7.345  6.357   1.00 15.44 ? 5  LEU D CB  1 
ATOM   357 C CG  . LEU D 1 5  ? -11.236 -7.542  7.150   1.00 18.47 ? 5  LEU D CG  1 
ATOM   358 C CD1 . LEU D 1 5  ? -11.048 -8.684  8.121   1.00 21.27 ? 5  LEU D CD1 1 
ATOM   359 C CD2 . LEU D 1 5  ? -11.598 -6.258  7.883   1.00 23.42 ? 5  LEU D CD2 1 
ATOM   360 N N   . GLY D 1 6  ? -10.854 -10.112 4.419   1.00 10.98 ? 6  GLY D N   1 
ATOM   361 C CA  . GLY D 1 6  ? -11.642 -10.522 3.273   1.00 11.57 ? 6  GLY D CA  1 
ATOM   362 C C   . GLY D 1 6  ? -12.765 -11.480 3.601   1.00 11.22 ? 6  GLY D C   1 
ATOM   363 O O   . GLY D 1 6  ? -12.944 -11.875 4.758   1.00 11.83 ? 6  GLY D O   1 
ATOM   364 N N   . ASP D 1 7  ? -13.531 -11.834 2.573   1.00 11.67 ? 7  ASP D N   1 
ATOM   365 C CA  . ASP D 1 7  ? -14.660 -12.747 2.692   1.00 11.87 ? 7  ASP D CA  1 
ATOM   366 C C   . ASP D 1 7  ? -14.439 -13.961 1.805   1.00 11.74 ? 7  ASP D C   1 
ATOM   367 O O   . ASP D 1 7  ? -13.744 -13.884 0.798   1.00 12.65 ? 7  ASP D O   1 
ATOM   368 C CB  . ASP D 1 7  ? -15.928 -12.044 2.233   1.00 14.46 ? 7  ASP D CB  1 
ATOM   369 C CG  . ASP D 1 7  ? -16.295 -10.905 3.127   1.00 19.86 ? 7  ASP D CG  1 
ATOM   370 O OD1 . ASP D 1 7  ? -16.454 -11.160 4.323   1.00 19.41 ? 7  ASP D OD1 1 
ATOM   371 O OD2 . ASP D 1 7  ? -16.397 -9.759  2.641   1.00 26.52 ? 7  ASP D OD2 1 
ATOM   372 N N   . VAL D 1 8  ? -15.020 -15.085 2.195   1.00 15.90 ? 8  VAL D N   1 
ATOM   373 C CA  . VAL D 1 8  ? -15.011 -16.265 1.343   1.00 15.17 ? 8  VAL D CA  1 
ATOM   374 C C   . VAL D 1 8  ? -16.330 -16.326 0.598   1.00 16.01 ? 8  VAL D C   1 
ATOM   375 O O   . VAL D 1 8  ? -17.394 -16.168 1.196   1.00 18.59 ? 8  VAL D O   1 
ATOM   376 C CB  . VAL D 1 8  ? -14.829 -17.551 2.163   1.00 15.89 ? 8  VAL D CB  1 
ATOM   377 C CG1 . VAL D 1 8  ? -14.837 -18.777 1.257   1.00 17.29 ? 8  VAL D CG1 1 
ATOM   378 C CG2 . VAL D 1 8  ? -13.538 -17.477 2.976   1.00 17.04 ? 8  VAL D CG2 1 
ATOM   379 N N   . ILE D 1 9  ? -16.257 -16.536 -0.713  1.00 17.27 ? 9  ILE D N   1 
ATOM   380 C CA  . ILE D 1 9  ? -17.449 -16.693 -1.530  1.00 20.44 ? 9  ILE D CA  1 
ATOM   381 C C   . ILE D 1 9  ? -17.333 -17.962 -2.374  1.00 20.53 ? 9  ILE D C   1 
ATOM   382 O O   . ILE D 1 9  ? -16.255 -18.546 -2.500  1.00 22.28 ? 9  ILE D O   1 
ATOM   383 C CB  . ILE D 1 9  ? -17.664 -15.487 -2.457  1.00 24.08 ? 9  ILE D CB  1 
ATOM   384 C CG1 . ILE D 1 9  ? -16.523 -15.390 -3.469  1.00 25.17 ? 9  ILE D CG1 1 
ATOM   385 C CG2 . ILE D 1 9  ? -17.753 -14.197 -1.647  1.00 25.82 ? 9  ILE D CG2 1 
ATOM   386 C CD1 . ILE D 1 9  ? -16.808 -14.464 -4.630  1.00 28.90 ? 9  ILE D CD1 1 
ATOM   387 N N   . GLU D 1 10 ? -18.448 -18.391 -2.947  1.00 19.20 ? 10 GLU D N   1 
ATOM   388 C CA  . GLU D 1 10 ? -18.441 -19.545 -3.829  1.00 24.65 ? 10 GLU D CA  1 
ATOM   389 C C   . GLU D 1 10 ? -18.459 -19.057 -5.276  1.00 24.48 ? 10 GLU D C   1 
ATOM   390 O O   . GLU D 1 10 ? -19.283 -18.222 -5.638  1.00 28.97 ? 10 GLU D O   1 
ATOM   391 C CB  . GLU D 1 10 ? -19.678 -20.402 -3.564  1.00 29.22 ? 10 GLU D CB  1 
ATOM   392 C CG  . GLU D 1 10 ? -19.654 -21.742 -4.252  1.00 32.28 ? 10 GLU D CG  1 
ATOM   393 C CD  . GLU D 1 10 ? -18.786 -22.731 -3.519  1.00 35.76 ? 10 GLU D CD  1 
ATOM   394 O OE1 . GLU D 1 10 ? -17.915 -23.339 -4.162  1.00 42.30 ? 10 GLU D OE1 1 
ATOM   395 O OE2 . GLU D 1 10 ? -18.976 -22.900 -2.297  1.00 39.49 ? 10 GLU D OE2 1 
ATOM   396 N N   . VAL D 1 11 ? -17.551 -19.553 -6.106  1.00 23.25 ? 11 VAL D N   1 
ATOM   397 C CA  . VAL D 1 11 ? -17.616 -19.219 -7.529  1.00 24.39 ? 11 VAL D CA  1 
ATOM   398 C C   . VAL D 1 11 ? -17.762 -20.462 -8.389  1.00 28.92 ? 11 VAL D C   1 
ATOM   399 O O   . VAL D 1 11 ? -17.544 -21.580 -7.926  1.00 30.02 ? 11 VAL D O   1 
ATOM   400 C CB  . VAL D 1 11 ? -16.408 -18.388 -8.011  1.00 23.52 ? 11 VAL D CB  1 
ATOM   401 C CG1 . VAL D 1 11 ? -16.269 -17.129 -7.176  1.00 26.47 ? 11 VAL D CG1 1 
ATOM   402 C CG2 . VAL D 1 11 ? -15.134 -19.221 -7.996  1.00 22.36 ? 11 VAL D CG2 1 
ATOM   403 O OXT . VAL D 1 11 ? -18.114 -20.365 -9.566  1.00 35.29 ? 11 VAL D OXT 1 
HETATM 404 C C1  . MRD E 2 .  ? 17.996  19.720  -1.228  1.00 34.31 ? 12 MRD A C1  1 
HETATM 405 C C2  . MRD E 2 .  ? 17.864  21.196  -1.584  1.00 40.65 ? 12 MRD A C2  1 
HETATM 406 O O2  . MRD E 2 .  ? 18.140  22.000  -0.412  1.00 46.85 ? 12 MRD A O2  1 
HETATM 407 C CM  . MRD E 2 .  ? 16.444  21.495  -2.025  1.00 44.29 ? 12 MRD A CM  1 
HETATM 408 C C3  . MRD E 2 .  ? 18.828  21.581  -2.699  1.00 41.30 ? 12 MRD A C3  1 
HETATM 409 C C4  . MRD E 2 .  ? 20.207  21.934  -2.161  1.00 37.81 ? 12 MRD A C4  1 
HETATM 410 O O4  . MRD E 2 .  ? 20.470  21.165  -1.012  1.00 34.94 ? 12 MRD A O4  1 
HETATM 411 C C5  . MRD E 2 .  ? 20.306  23.416  -1.813  1.00 36.11 ? 12 MRD A C5  1 
HETATM 412 C C1  . MPD F 3 .  ? -0.100  14.492  -3.822  1.00 34.84 ? 12 MPD B C1  1 
HETATM 413 C C2  . MPD F 3 .  ? -1.197  13.507  -4.208  1.00 35.07 ? 12 MPD B C2  1 
HETATM 414 O O2  . MPD F 3 .  ? -0.827  12.873  -5.459  1.00 32.51 ? 12 MPD B O2  1 
HETATM 415 C CM  . MPD F 3 .  ? -1.311  12.433  -3.137  1.00 36.33 ? 12 MPD B CM  1 
HETATM 416 C C3  . MPD F 3 .  ? -2.545  14.209  -4.362  1.00 37.47 ? 12 MPD B C3  1 
HETATM 417 C C4  . MPD F 3 .  ? -2.886  14.518  -5.815  1.00 35.99 ? 12 MPD B C4  1 
HETATM 418 O O4  . MPD F 3 .  ? -3.016  13.313  -6.531  1.00 37.38 ? 12 MPD B O4  1 
HETATM 419 C C5  . MPD F 3 .  ? -4.198  15.287  -5.904  1.00 36.57 ? 12 MPD B C5  1 
HETATM 420 C C1  . MPD G 3 .  ? -3.384  1.473   0.253   1.00 37.98 ? 12 MPD C C1  1 
HETATM 421 C C2  . MPD G 3 .  ? -3.250  1.519   1.767   1.00 36.96 ? 12 MPD C C2  1 
HETATM 422 O O2  . MPD G 3 .  ? -3.898  0.340   2.307   1.00 35.22 ? 12 MPD C O2  1 
HETATM 423 C CM  . MPD G 3 .  ? -3.973  2.739   2.325   1.00 41.93 ? 12 MPD C CM  1 
HETATM 424 C C3  . MPD G 3 .  ? -1.780  1.466   2.184   1.00 34.76 ? 12 MPD C C3  1 
HETATM 425 C C4  . MPD G 3 .  ? -0.994  2.773   2.091   1.00 38.83 ? 12 MPD C C4  1 
HETATM 426 O O4  . MPD G 3 .  ? -1.488  3.621   1.079   1.00 40.25 ? 12 MPD C O4  1 
HETATM 427 C C5  . MPD G 3 .  ? -1.014  3.518   3.420   1.00 39.17 ? 12 MPD C C5  1 
HETATM 428 O O   . HOH H 4 .  ? 24.038  17.118  -4.291  1.00 23.83 ? 13 HOH A O   1 
HETATM 429 O O   . HOH H 4 .  ? -6.939  3.072   -8.409  1.00 31.29 ? 14 HOH A O   1 
HETATM 430 O O   . HOH H 4 .  ? 18.789  18.898  3.123   1.00 46.01 ? 24 HOH A O   1 
HETATM 431 O O   . HOH H 4 .  ? 14.135  20.546  -0.778  1.00 31.18 ? 25 HOH A O   1 
HETATM 432 O O   . HOH H 4 .  ? 9.151   13.223  3.783   1.00 52.28 ? 29 HOH A O   1 
HETATM 433 O O   . HOH H 4 .  ? 7.758   18.225  4.497   1.00 39.17 ? 38 HOH A O   1 
HETATM 434 O O   . HOH I 4 .  ? -4.748  1.797   -5.126  1.00 24.54 ? 13 HOH B O   1 
HETATM 435 O O   . HOH I 4 .  ? 20.426  11.061  -5.917  1.00 31.37 ? 14 HOH B O   1 
HETATM 436 O O   . HOH I 4 .  ? 5.141   13.058  2.459   1.00 30.78 ? 15 HOH B O   1 
HETATM 437 O O   . HOH I 4 .  ? -3.211  6.641   2.117   1.00 39.51 ? 21 HOH B O   1 
HETATM 438 O O   . HOH I 4 .  ? 4.581   15.911  2.596   1.00 50.92 ? 31 HOH B O   1 
HETATM 439 O O   . HOH I 4 .  ? 11.207  8.041   3.638   1.00 28.42 ? 34 HOH B O   1 
HETATM 440 O O   . HOH I 4 .  ? 23.132  14.365  -6.063  1.00 64.89 ? 35 HOH B O   1 
HETATM 441 O O   . HOH I 4 .  ? -9.311  3.620   -5.931  1.00 51.16 ? 37 HOH B O   1 
HETATM 442 O O   . HOH J 4 .  ? -5.647  1.070   5.581   1.00 26.36 ? 13 HOH C O   1 
HETATM 443 O O   . HOH J 4 .  ? -12.813 -6.357  3.736   1.00 33.39 ? 14 HOH C O   1 
HETATM 444 O O   . HOH J 4 .  ? -11.244 -24.098 -2.001  1.00 43.35 ? 15 HOH C O   1 
HETATM 445 O O   . HOH J 4 .  ? -7.973  -15.477 -9.242  1.00 36.18 ? 16 HOH C O   1 
HETATM 446 O O   . HOH J 4 .  ? -10.075 -21.948 -3.926  1.00 38.39 ? 18 HOH C O   1 
HETATM 447 O O   . HOH J 4 .  ? -13.714 -24.993 -3.204  1.00 30.31 ? 39 HOH C O   1 
HETATM 448 O O   . HOH K 4 .  ? -3.311  -7.411  12.789  1.00 31.65 ? 12 HOH D O   1 
HETATM 449 O O   . HOH K 4 .  ? 2.012   -7.848  7.042   1.00 29.37 ? 13 HOH D O   1 
HETATM 450 O O   . HOH K 4 .  ? -5.648  -8.985  8.977   1.00 35.60 ? 14 HOH D O   1 
HETATM 451 O O   . HOH K 4 .  ? 2.610   -8.614  11.930  1.00 36.98 ? 15 HOH D O   1 
HETATM 452 O O   . HOH K 4 .  ? -20.780 -17.514 -1.541  1.00 74.96 ? 16 HOH D O   1 
HETATM 453 O O   . HOH K 4 .  ? -5.091  -7.515  11.050  1.00 36.36 ? 17 HOH D O   1 
HETATM 454 O O   . HOH K 4 .  ? -18.457 -8.465  3.668   1.00 40.02 ? 23 HOH D O   1 
HETATM 455 O O   . HOH K 4 .  ? -19.461 -14.387 1.876   1.00 55.34 ? 27 HOH D O   1 
HETATM 456 O O   . HOH K 4 .  ? 3.932   -5.158  5.173   1.00 38.76 ? 33 HOH D O   1 
HETATM 457 O O   . HOH K 4 .  ? -19.680 -15.968 -7.181  1.00 38.31 ? 36 HOH D O   1 
# 
loop_
_atom_site_anisotrop.id 
_atom_site_anisotrop.type_symbol 
_atom_site_anisotrop.pdbx_label_atom_id 
_atom_site_anisotrop.pdbx_label_alt_id 
_atom_site_anisotrop.pdbx_label_comp_id 
_atom_site_anisotrop.pdbx_label_asym_id 
_atom_site_anisotrop.pdbx_label_seq_id 
_atom_site_anisotrop.pdbx_PDB_ins_code 
_atom_site_anisotrop.U[1][1] 
_atom_site_anisotrop.U[2][2] 
_atom_site_anisotrop.U[3][3] 
_atom_site_anisotrop.U[1][2] 
_atom_site_anisotrop.U[1][3] 
_atom_site_anisotrop.U[2][3] 
_atom_site_anisotrop.pdbx_auth_seq_id 
_atom_site_anisotrop.pdbx_auth_comp_id 
_atom_site_anisotrop.pdbx_auth_asym_id 
_atom_site_anisotrop.pdbx_auth_atom_id 
1   N N   . LYS A 1  ? 0.2574 0.4029 0.3904 -0.1576 -0.0681 0.1446  1  LYS A N   
2   C CA  . LYS A 1  ? 0.2776 0.4077 0.2781 -0.1581 -0.0567 0.1032  1  LYS A CA  
3   C C   . LYS A 1  ? 0.2297 0.2278 0.2873 -0.1089 -0.0321 0.0491  1  LYS A C   
4   O O   . LYS A 1  ? 0.2500 0.3785 0.3095 -0.0728 -0.0237 0.0339  1  LYS A O   
5   C CB  . LYS A 1  ? 0.2646 0.4913 0.3717 -0.1263 -0.0291 0.1077  1  LYS A CB  
6   C CG  . LYS A 1  ? 0.3354 0.5979 0.4324 -0.1092 -0.0766 0.1026  1  LYS A CG  
7   C CD  . LYS A 1  ? 0.4154 0.5676 0.4061 -0.1272 -0.0715 0.0473  1  LYS A CD  
8   C CE  . LYS A 1  ? 0.4876 0.5432 0.3953 -0.1436 -0.0397 0.0153  1  LYS A CE  
9   N NZ  . LYS A 1  ? 0.4491 0.5244 0.4363 -0.2187 -0.0080 -0.0182 1  LYS A NZ  
10  N N   . LEU A 2  ? 0.2373 0.2532 0.2987 -0.1057 -0.0472 0.0590  2  LEU A N   
11  C CA  . LEU A 2  ? 0.2526 0.1876 0.2589 -0.1009 -0.0249 0.0554  2  LEU A CA  
12  C C   . LEU A 2  ? 0.2864 0.2166 0.2124 -0.1075 0.0152  0.0322  2  LEU A C   
13  O O   . LEU A 2  ? 0.3221 0.2396 0.2742 -0.1098 0.0288  0.0186  2  LEU A O   
14  C CB  . LEU A 2  ? 0.2563 0.2214 0.3082 -0.0492 -0.0125 0.0715  2  LEU A CB  
15  C CG  . LEU A 2  ? 0.2676 0.2563 0.3146 -0.0802 -0.0179 0.1175  2  LEU A CG  
16  C CD1 . LEU A 2  ? 0.2416 0.2181 0.4735 -0.0750 -0.0152 0.1038  2  LEU A CD1 
17  C CD2 . LEU A 2  ? 0.2735 0.2921 0.3447 -0.1177 0.0629  0.0819  2  LEU A CD2 
18  N N   . LYS A 3  ? 0.1972 0.1887 0.2917 -0.0841 -0.0354 0.0039  3  LYS A N   
19  C CA  . LYS A 3  ? 0.2039 0.1670 0.2930 -0.0761 -0.0175 -0.0030 3  LYS A CA  
20  C C   . LYS A 3  ? 0.1843 0.1857 0.2090 -0.0727 0.0008  0.0256  3  LYS A C   
21  O O   . LYS A 3  ? 0.1937 0.2199 0.2655 -0.0672 -0.0040 0.0537  3  LYS A O   
22  C CB  . LYS A 3  ? 0.2159 0.1918 0.3668 -0.0742 -0.0416 0.0194  3  LYS A CB  
23  C CG  . LYS A 3  ? 0.2798 0.2743 0.4950 -0.0815 -0.0493 0.0264  3  LYS A CG  
24  C CD  . LYS A 3  ? 0.2984 0.3626 0.4443 -0.0437 -0.0507 0.0404  3  LYS A CD  
25  C CE  . LYS A 3  ? 0.3571 0.4516 0.3653 0.0354  -0.0616 0.0099  3  LYS A CE  
26  N NZ  . LYS A 3  ? 0.5012 0.4040 0.2860 0.0201  0.0263  0.0423  3  LYS A NZ  
27  N N   . VAL A 4  ? 0.1790 0.1703 0.2552 -0.0798 -0.0079 0.0158  4  VAL A N   
28  C CA  . VAL A 4  ? 0.1795 0.1843 0.2486 -0.0679 -0.0172 0.0077  4  VAL A CA  
29  C C   . VAL A 4  ? 0.1449 0.1940 0.2540 -0.0653 0.0012  0.0257  4  VAL A C   
30  O O   . VAL A 4  ? 0.2142 0.2079 0.2381 -0.1029 -0.0203 0.0648  4  VAL A O   
31  C CB  . VAL A 4  ? 0.2041 0.1812 0.2940 -0.0286 -0.0293 -0.0330 4  VAL A CB  
32  C CG1 . VAL A 4  ? 0.2195 0.1754 0.3431 -0.0271 -0.0260 -0.0497 4  VAL A CG1 
33  C CG2 . VAL A 4  ? 0.1901 0.1918 0.3882 -0.0796 0.0079  -0.0388 4  VAL A CG2 
34  N N   . LEU A 5  ? 0.1694 0.1759 0.1923 -0.0375 0.0029  -0.0038 5  LEU A N   
35  C CA  . LEU A 5  ? 0.1397 0.2518 0.1788 -0.0181 -0.0037 0.0023  5  LEU A CA  
36  C C   . LEU A 5  ? 0.1735 0.1360 0.1791 -0.0509 0.0077  0.0339  5  LEU A C   
37  O O   . LEU A 5  ? 0.2063 0.2072 0.2368 -0.0708 0.0045  0.0837  5  LEU A O   
38  C CB  . LEU A 5  ? 0.2131 0.2049 0.1994 -0.0169 0.0537  0.0201  5  LEU A CB  
39  C CG  . LEU A 5  ? 0.2141 0.2302 0.2238 0.0034  0.0094  0.0058  5  LEU A CG  
40  C CD1 . LEU A 5  ? 0.2193 0.2107 0.2890 0.0013  -0.0104 0.0236  5  LEU A CD1 
41  C CD2 . LEU A 5  ? 0.2553 0.2568 0.2294 -0.0001 0.0144  0.0184  5  LEU A CD2 
42  N N   . GLY A 6  ? 0.1319 0.1565 0.2019 -0.0555 0.0105  0.0094  6  GLY A N   
43  C CA  . GLY A 6  ? 0.1274 0.1815 0.2343 -0.0851 -0.0200 0.0068  6  GLY A CA  
44  C C   . GLY A 6  ? 0.1332 0.1625 0.1641 -0.0180 0.0011  0.0028  6  GLY A C   
45  O O   . GLY A 6  ? 0.1414 0.1673 0.2070 -0.0150 -0.0120 0.0286  6  GLY A O   
46  N N   . ASP A 7  ? 0.1514 0.1639 0.2148 -0.0483 -0.0197 0.0013  7  ASP A N   
47  C CA  . ASP A 7  ? 0.1561 0.1734 0.1972 -0.0231 -0.0253 0.0051  7  ASP A CA  
48  C C   . ASP A 7  ? 0.1113 0.1478 0.2152 -0.0005 -0.0142 0.0317  7  ASP A C   
49  O O   . ASP A 7  ? 0.1491 0.1324 0.2379 -0.0204 0.0058  0.0355  7  ASP A O   
50  C CB  . ASP A 7  ? 0.1786 0.2550 0.1973 -0.0176 -0.0041 0.0190  7  ASP A CB  
51  C CG  . ASP A 7  ? 0.2081 0.2279 0.2106 -0.0470 -0.0107 0.0144  7  ASP A CG  
52  O OD1 . ASP A 7  ? 0.2416 0.2555 0.2439 0.0093  0.0192  0.0092  7  ASP A OD1 
53  O OD2 . ASP A 7  ? 0.3225 0.3280 0.3387 -0.0827 0.0362  0.0399  7  ASP A OD2 
54  N N   . VAL A 8  ? 0.1661 0.1673 0.2985 -0.0538 0.0509  0.0065  8  VAL A N   
55  C CA  . VAL A 8  ? 0.1632 0.1641 0.2364 -0.0631 0.0424  0.0201  8  VAL A CA  
56  C C   . VAL A 8  ? 0.1701 0.1690 0.2453 -0.0514 -0.0021 -0.0187 8  VAL A C   
57  O O   . VAL A 8  ? 0.1725 0.2084 0.3248 -0.0182 -0.0194 -0.0333 8  VAL A O   
58  C CB  . VAL A 8  ? 0.1636 0.1828 0.2916 -0.0440 -0.0041 0.0219  8  VAL A CB  
59  C CG1 . VAL A 8  ? 0.1662 0.2527 0.2080 -0.0269 0.0254  0.0353  8  VAL A CG1 
60  C CG2 . VAL A 8  ? 0.2125 0.2440 0.3127 -0.0800 -0.0783 0.0532  8  VAL A CG2 
61  N N   . ILE A 9  ? 0.1279 0.1948 0.2549 -0.0516 -0.0064 0.0212  9  ILE A N   
62  C CA  . ILE A 9  ? 0.1796 0.1698 0.2514 -0.0492 -0.0352 0.0740  9  ILE A CA  
63  C C   . ILE A 9  ? 0.1470 0.1745 0.2421 -0.0419 -0.0743 0.0487  9  ILE A C   
64  O O   . ILE A 9  ? 0.1761 0.2428 0.2580 -0.0600 0.0032  -0.0034 9  ILE A O   
65  C CB  . ILE A 9  ? 0.2691 0.1873 0.2992 -0.0892 -0.0199 0.0712  9  ILE A CB  
66  C CG1 . ILE A 9  ? 0.2755 0.2383 0.3033 -0.0407 -0.0304 0.1545  9  ILE A CG1 
67  C CG2 . ILE A 9  ? 0.3904 0.3116 0.2522 -0.0860 0.0270  -0.0097 9  ILE A CG2 
68  C CD1 . ILE A 9  ? 0.3530 0.3367 0.2964 -0.0480 -0.0103 0.1562  9  ILE A CD1 
69  N N   . GLU A 10 ? 0.1899 0.1927 0.2993 -0.0719 -0.0616 0.0537  10 GLU A N   
70  C CA  . GLU A 10 ? 0.2047 0.1587 0.3503 -0.0802 -0.0129 0.0498  10 GLU A CA  
71  C C   . GLU A 10 ? 0.2817 0.1737 0.2590 -0.0162 -0.0493 0.0076  10 GLU A C   
72  O O   . GLU A 10 ? 0.3054 0.2375 0.3022 0.0356  -0.0759 0.0018  10 GLU A O   
73  C CB  . GLU A 10 ? 0.2411 0.1582 0.4380 -0.0218 0.0373  0.0085  10 GLU A CB  
74  C CG  . GLU A 10 ? 0.3010 0.2313 0.3640 0.0011  0.0100  -0.0078 10 GLU A CG  
75  C CD  . GLU A 10 ? 0.3725 0.2696 0.4399 -0.0318 0.0430  0.0290  10 GLU A CD  
76  O OE1 . GLU A 10 ? 0.2845 0.2952 0.5452 -0.0881 0.0107  0.1080  10 GLU A OE1 
77  O OE2 . GLU A 10 ? 0.5341 0.3426 0.4348 -0.0079 0.1034  -0.0486 10 GLU A OE2 
78  N N   . VAL A 11 ? 0.2518 0.1830 0.3215 -0.0375 -0.1029 0.0197  11 VAL A N   
79  C CA  . VAL A 11 ? 0.2397 0.1833 0.2711 0.0009  -0.0469 0.0300  11 VAL A CA  
80  C C   . VAL A 11 ? 0.2861 0.2071 0.2861 -0.0133 -0.0394 0.0603  11 VAL A C   
81  O O   . VAL A 11 ? 0.3584 0.2456 0.3014 -0.0056 0.0036  0.0642  11 VAL A O   
82  C CB  . VAL A 11 ? 0.2329 0.1628 0.3180 -0.0258 -0.0526 -0.0008 11 VAL A CB  
83  C CG1 . VAL A 11 ? 0.2520 0.2850 0.2724 -0.0267 -0.0946 0.0127  11 VAL A CG1 
84  C CG2 . VAL A 11 ? 0.3272 0.1468 0.3358 -0.0477 -0.0795 0.0280  11 VAL A CG2 
85  O OXT . VAL A 11 ? 0.3061 0.2727 0.2891 -0.0236 -0.0202 0.0582  11 VAL A OXT 
86  N N   A LYS B 1  ? 0.2442 0.1897 0.2437 -0.1224 -0.0348 0.0079  1  LYS B N   
87  N N   B LYS B 1  ? 0.2704 0.1830 0.6511 0.0169  0.0667  0.0164  1  LYS B N   
88  C CA  A LYS B 1  ? 0.2527 0.1293 0.2757 -0.0907 -0.0283 0.0082  1  LYS B CA  
89  C CA  B LYS B 1  ? 0.1803 0.2454 0.5827 0.0397  -0.0169 -0.0232 1  LYS B CA  
90  C C   A LYS B 1  ? 0.2204 0.1362 0.2025 -0.0525 0.0019  0.0608  1  LYS B C   
91  C C   B LYS B 1  ? 0.1790 0.1612 0.5210 0.0192  0.0603  0.0099  1  LYS B C   
92  O O   A LYS B 1  ? 0.2630 0.2136 0.1814 -0.0035 0.0246  0.0369  1  LYS B O   
93  O O   B LYS B 1  ? 0.2095 0.1808 0.5527 0.0139  0.0287  0.0483  1  LYS B O   
94  C CB  A LYS B 1  ? 0.1879 0.1945 0.3860 0.0034  -0.0657 -0.0669 1  LYS B CB  
95  C CB  B LYS B 1  ? 0.1602 0.3135 0.5658 -0.0124 -0.0048 -0.0209 1  LYS B CB  
96  C CG  A LYS B 1  ? 0.2693 0.2210 0.3989 0.0328  -0.0232 -0.1025 1  LYS B CG  
97  C CG  B LYS B 1  ? 0.1894 0.3511 0.5333 -0.0200 -0.0149 -0.0020 1  LYS B CG  
98  C CD  A LYS B 1  ? 0.3601 0.2163 0.3486 -0.0032 0.0376  -0.0306 1  LYS B CD  
99  C CD  B LYS B 1  ? 0.2290 0.2514 0.5186 -0.0322 0.0028  -0.0206 1  LYS B CD  
100 C CE  A LYS B 1  ? 0.3879 0.1938 0.3677 -0.0337 0.1001  0.0287  1  LYS B CE  
101 C CE  B LYS B 1  ? 0.2422 0.3283 0.5143 0.0149  -0.0231 0.0118  1  LYS B CE  
102 N NZ  A LYS B 1  ? 0.4172 0.1578 0.4589 -0.0353 0.1515  0.0151  1  LYS B NZ  
103 N NZ  B LYS B 1  ? 0.2243 0.3462 0.5652 0.1146  -0.0743 -0.0246 1  LYS B NZ  
104 N N   A LEU B 2  ? 0.1610 0.1671 0.1916 -0.0576 -0.0314 0.0436  2  LEU B N   
105 N N   B LEU B 2  ? 0.2496 0.1452 0.4480 -0.0123 0.1313  0.0381  2  LEU B N   
106 C CA  A LEU B 2  ? 0.2001 0.1762 0.1619 -0.0137 0.0074  0.0392  2  LEU B CA  
107 C CA  B LEU B 2  ? 0.2247 0.1518 0.4204 -0.0320 0.0620  0.0717  2  LEU B CA  
108 C C   A LEU B 2  ? 0.1627 0.1601 0.2058 -0.0093 -0.0004 0.0885  2  LEU B C   
109 C C   B LEU B 2  ? 0.2630 0.1734 0.3636 -0.0403 0.0783  0.0264  2  LEU B C   
110 O O   A LEU B 2  ? 0.1326 0.1134 0.2325 -0.0283 0.0145  0.0643  2  LEU B O   
111 O O   B LEU B 2  ? 0.2966 0.2601 0.2972 -0.0728 0.1167  0.0285  2  LEU B O   
112 C CB  A LEU B 2  ? 0.2608 0.1794 0.1524 -0.0194 0.0141  0.0327  2  LEU B CB  
113 C CB  B LEU B 2  ? 0.1674 0.1730 0.3367 -0.0515 -0.0153 0.0465  2  LEU B CB  
114 C CG  A LEU B 2  ? 0.2190 0.1673 0.2313 -0.1031 -0.0357 0.0447  2  LEU B CG  
115 C CG  B LEU B 2  ? 0.1684 0.1835 0.3279 -0.0479 -0.0363 0.0684  2  LEU B CG  
116 C CD1 A LEU B 2  ? 0.2270 0.2192 0.2275 -0.0614 -0.0182 0.0219  2  LEU B CD1 
117 C CD1 B LEU B 2  ? 0.2530 0.2156 0.3217 -0.0702 -0.0831 0.0802  2  LEU B CD1 
118 C CD2 A LEU B 2  ? 0.1997 0.1752 0.2228 -0.1010 -0.0585 0.0166  2  LEU B CD2 
119 C CD2 B LEU B 2  ? 0.1776 0.1168 0.3148 0.0129  0.0229  0.0376  2  LEU B CD2 
120 N N   A LYS B 3  ? 0.1244 0.1870 0.1908 -0.0073 0.0002  0.0798  3  LYS B N   
121 N N   B LYS B 3  ? 0.1715 0.2078 0.3026 -0.0682 0.0519  0.0331  3  LYS B N   
122 C CA  A LYS B 3  ? 0.2047 0.1912 0.1168 -0.0471 0.0178  0.0682  3  LYS B CA  
123 C CA  B LYS B 3  ? 0.1098 0.2152 0.2342 -0.0572 0.0120  0.0674  3  LYS B CA  
124 C C   A LYS B 3  ? 0.1951 0.2002 0.0968 -0.0236 0.0034  0.0328  3  LYS B C   
125 C C   B LYS B 3  ? 0.1108 0.1249 0.2654 -0.0398 0.0157  0.0373  3  LYS B C   
126 O O   A LYS B 3  ? 0.1983 0.2204 0.1429 0.0012  -0.0150 0.0092  3  LYS B O   
127 O O   B LYS B 3  ? 0.1703 0.0996 0.3313 -0.0168 0.0278  0.0443  3  LYS B O   
128 C CB  A LYS B 3  ? 0.3107 0.1702 0.1341 -0.0740 -0.0042 0.0271  3  LYS B CB  
129 C CB  B LYS B 3  ? 0.1237 0.2385 0.2603 -0.0701 -0.0072 0.0785  3  LYS B CB  
130 C CG  A LYS B 3  ? 0.3187 0.1896 0.0958 -0.0237 0.0067  0.0391  3  LYS B CG  
131 C CG  B LYS B 3  ? 0.1446 0.2698 0.2684 -0.0925 -0.0091 0.0674  3  LYS B CG  
132 C CD  A LYS B 3  ? 0.3093 0.1059 0.1228 -0.0125 0.0458  0.0138  3  LYS B CD  
133 C CD  B LYS B 3  ? 0.1701 0.2800 0.2815 -0.0136 -0.0265 0.0586  3  LYS B CD  
134 C CE  A LYS B 3  ? 0.2879 0.1412 0.1460 -0.0171 0.0021  0.0297  3  LYS B CE  
135 C CE  B LYS B 3  ? 0.1640 0.3117 0.2537 0.0323  -0.0583 0.0589  3  LYS B CE  
136 N NZ  A LYS B 3  ? 0.2754 0.1038 0.1773 0.0586  0.0017  -0.0119 3  LYS B NZ  
137 N NZ  B LYS B 3  ? 0.1721 0.3233 0.2385 0.0164  -0.0081 0.0372  3  LYS B NZ  
138 N N   . VAL B 4  ? 0.1306 0.1777 0.1730 -0.0282 -0.0034 0.0115  4  VAL B N   
139 C CA  . VAL B 4  ? 0.1610 0.1531 0.1608 -0.0460 -0.0022 0.0036  4  VAL B CA  
140 C C   . VAL B 4  ? 0.1563 0.1566 0.1710 -0.0542 0.0011  0.0189  4  VAL B C   
141 O O   . VAL B 4  ? 0.2004 0.1707 0.1659 -0.0101 0.0087  0.0009  4  VAL B O   
142 C CB  . VAL B 4  ? 0.1499 0.2126 0.1653 -0.0204 -0.0267 0.0292  4  VAL B CB  
143 C CG1 . VAL B 4  ? 0.1565 0.2016 0.1781 -0.0254 -0.0304 0.0064  4  VAL B CG1 
144 C CG2 . VAL B 4  ? 0.2283 0.1830 0.1601 -0.0502 -0.0005 0.0537  4  VAL B CG2 
145 N N   . LEU B 5  ? 0.1647 0.1643 0.1645 -0.0296 -0.0004 0.0221  5  LEU B N   
146 C CA  . LEU B 5  ? 0.1378 0.1938 0.1621 -0.0560 0.0047  0.0229  5  LEU B CA  
147 C C   . LEU B 5  ? 0.1378 0.1836 0.2178 -0.0460 0.0092  0.0497  5  LEU B C   
148 O O   . LEU B 5  ? 0.1736 0.1659 0.4291 -0.0190 -0.0007 0.0822  5  LEU B O   
149 C CB  . LEU B 5  ? 0.2101 0.1837 0.1983 -0.0307 -0.0067 0.0116  5  LEU B CB  
150 C CG  . LEU B 5  ? 0.2752 0.2824 0.2020 -0.0698 -0.0594 0.0125  5  LEU B CG  
151 C CD1 . LEU B 5  ? 0.3669 0.3208 0.2125 -0.0753 -0.0491 0.0143  5  LEU B CD1 
152 C CD2 . LEU B 5  ? 0.2808 0.4114 0.2805 -0.0314 -0.0734 -0.0003 5  LEU B CD2 
153 N N   . GLY B 6  ? 0.1350 0.1818 0.2238 -0.0252 0.0224  0.0294  6  GLY B N   
154 C CA  . GLY B 6  ? 0.1262 0.2426 0.2430 -0.0610 0.0077  0.0239  6  GLY B CA  
155 C C   . GLY B 6  ? 0.1617 0.2034 0.2099 -0.0347 0.0184  0.0243  6  GLY B C   
156 O O   . GLY B 6  ? 0.1800 0.2050 0.2493 -0.0394 0.0147  0.0263  6  GLY B O   
157 N N   . ASP B 7  ? 0.1631 0.2115 0.1924 -0.0632 0.0140  0.0152  7  ASP B N   
158 C CA  . ASP B 7  ? 0.1690 0.2222 0.2123 -0.0947 0.0145  0.0003  7  ASP B CA  
159 C C   . ASP B 7  ? 0.1726 0.2091 0.2225 -0.0435 0.0098  0.0691  7  ASP B C   
160 O O   . ASP B 7  ? 0.1861 0.1624 0.2333 -0.0566 0.0236  0.0514  7  ASP B O   
161 C CB  . ASP B 7  ? 0.2172 0.2531 0.2628 -0.0989 0.0614  -0.0087 7  ASP B CB  
162 C CG  . ASP B 7  ? 0.3093 0.2703 0.1987 -0.0698 0.0333  -0.0108 7  ASP B CG  
163 O OD1 . ASP B 7  ? 0.3277 0.2765 0.2507 -0.0288 -0.0092 -0.0019 7  ASP B OD1 
164 O OD2 . ASP B 7  ? 0.4473 0.2985 0.2514 -0.1083 -0.0115 0.0503  7  ASP B OD2 
165 N N   . VAL B 8  ? 0.2341 0.2022 0.2501 -0.1166 0.0092  0.0215  8  VAL B N   
166 C CA  . VAL B 8  ? 0.2161 0.1898 0.2257 -0.1034 0.0119  0.0157  8  VAL B CA  
167 C C   . VAL B 8  ? 0.2249 0.2387 0.2358 -0.1198 0.0201  0.0262  8  VAL B C   
168 O O   . VAL B 8  ? 0.2536 0.3386 0.2508 -0.1251 0.0810  0.0288  8  VAL B O   
169 C CB  . VAL B 8  ? 0.2177 0.1932 0.2839 -0.0591 -0.0216 0.0189  8  VAL B CB  
170 C CG1 . VAL B 8  ? 0.2366 0.2755 0.1948 -0.0626 -0.0198 0.0165  8  VAL B CG1 
171 C CG2 . VAL B 8  ? 0.1695 0.1888 0.3541 -0.0132 0.0290  0.0065  8  VAL B CG2 
172 N N   . ILE B 9  ? 0.1824 0.2405 0.2446 -0.0919 0.0109  -0.0031 9  ILE B N   
173 C CA  . ILE B 9  ? 0.2198 0.2732 0.3270 -0.0789 -0.0033 -0.0222 9  ILE B CA  
174 C C   . ILE B 9  ? 0.2093 0.2832 0.2946 -0.0533 -0.0276 -0.0434 9  ILE B C   
175 O O   . ILE B 9  ? 0.2330 0.3950 0.2545 -0.1271 -0.0156 -0.0221 9  ILE B O   
176 C CB  . ILE B 9  ? 0.2306 0.3174 0.3525 -0.0123 0.0216  -0.0734 9  ILE B CB  
177 C CG1 . ILE B 9  ? 0.3638 0.4168 0.3857 0.0219  -0.0240 -0.0596 9  ILE B CG1 
178 C CG2 . ILE B 9  ? 0.2562 0.2591 0.4789 -0.0152 0.0312  -0.0744 9  ILE B CG2 
179 N N   . GLU B 10 ? 0.1901 0.2480 0.3712 -0.0522 -0.0330 -0.0197 10 GLU B N   
180 C CA  A GLU B 10 ? 0.1928 0.2400 0.3804 -0.0546 -0.0029 0.0023  10 GLU B CA  
181 C CA  B GLU B 10 ? 0.2056 0.2587 0.3982 -0.0553 -0.0108 -0.0030 10 GLU B CA  
182 C C   . GLU B 10 ? 0.2304 0.2919 0.4369 -0.0326 -0.0093 0.0214  10 GLU B C   
183 O O   . GLU B 10 ? 0.2532 0.3488 0.4179 0.0239  -0.0308 -0.0269 10 GLU B O   
184 C CB  A GLU B 10 ? 0.2063 0.3044 0.3502 -0.1298 0.0056  0.0347  10 GLU B CB  
185 C CB  B GLU B 10 ? 0.2330 0.3601 0.3941 -0.1280 -0.0180 0.0193  10 GLU B CB  
186 C CG  A GLU B 10 ? 0.2454 0.2299 0.3757 -0.0882 -0.0110 0.0159  10 GLU B CG  
187 C CG  B GLU B 10 ? 0.2968 0.4016 0.4019 -0.1147 -0.0417 0.0189  10 GLU B CG  
188 C CD  A GLU B 10 ? 0.2429 0.2898 0.3429 -0.1088 -0.0135 0.0198  10 GLU B CD  
189 C CD  B GLU B 10 ? 0.2773 0.4446 0.4403 -0.1288 -0.0346 0.0259  10 GLU B CD  
190 O OE1 A GLU B 10 ? 0.2600 0.1872 0.3628 -0.0950 -0.0500 -0.0406 10 GLU B OE1 
191 O OE1 B GLU B 10 ? 0.2190 0.5135 0.4418 -0.1278 -0.0946 -0.0137 10 GLU B OE1 
192 O OE2 A GLU B 10 ? 0.2932 0.3092 0.4321 -0.1563 0.0676  0.0680  10 GLU B OE2 
193 O OE2 B GLU B 10 ? 0.2644 0.4744 0.4768 -0.1320 -0.0317 0.0537  10 GLU B OE2 
194 N N   . VAL B 11 ? 0.2101 0.2748 0.4973 -0.0240 0.0109  0.1138  11 VAL B N   
195 C CA  . VAL B 11 ? 0.2966 0.3999 0.5538 0.0303  -0.0024 0.0927  11 VAL B CA  
196 C C   . VAL B 11 ? 0.3476 0.4090 0.5377 0.0384  -0.0002 0.0802  11 VAL B C   
197 O O   . VAL B 11 ? 0.3962 0.4569 0.6177 -0.0363 -0.0007 0.1023  11 VAL B O   
198 C CB  . VAL B 11 ? 0.3655 0.3900 0.5818 0.0210  0.0244  0.0907  11 VAL B CB  
199 C CG1 . VAL B 11 ? 0.4309 0.3105 0.6940 -0.0208 0.0675  0.0791  11 VAL B CG1 
200 C CG2 . VAL B 11 ? 0.3833 0.4202 0.5753 0.0276  0.1013  0.1066  11 VAL B CG2 
201 O OXT . VAL B 11 ? 0.4112 0.4100 0.5434 0.1012  0.0148  0.0430  11 VAL B OXT 
202 N N   . LYS C 1  ? 0.6041 0.3023 0.3619 -0.2159 0.0581  -0.0621 1  LYS C N   
203 C CA  . LYS C 1  ? 0.5191 0.2466 0.2306 -0.1516 0.0945  -0.0432 1  LYS C CA  
204 C C   . LYS C 1  ? 0.3670 0.2125 0.1656 -0.1247 0.0293  -0.0584 1  LYS C C   
205 O O   . LYS C 1  ? 0.3145 0.2772 0.2919 -0.1437 0.0655  -0.0593 1  LYS C O   
206 C CB  . LYS C 1  ? 0.5257 0.3148 0.2115 -0.0570 0.0522  -0.0920 1  LYS C CB  
207 C CG  . LYS C 1  ? 0.3949 0.3650 0.3078 -0.0156 0.0201  -0.1141 1  LYS C CG  
208 C CD  . LYS C 1  ? 0.3328 0.4392 0.3005 -0.0290 0.0187  -0.1319 1  LYS C CD  
209 C CE  . LYS C 1  ? 0.4386 0.4484 0.3854 -0.0382 0.0121  -0.0443 1  LYS C CE  
210 N NZ  . LYS C 1  ? 0.4643 0.3923 0.3980 -0.0115 0.0474  -0.0296 1  LYS C NZ  
211 N N   A LEU C 2  ? 0.3880 0.2047 0.2372 -0.1310 0.0342  -0.0490 2  LEU C N   
212 N N   B LEU C 2  ? 0.3641 0.1688 0.1717 -0.1183 0.0758  -0.0433 2  LEU C N   
213 C CA  A LEU C 2  ? 0.3109 0.1798 0.2264 -0.1069 0.0332  -0.0189 2  LEU C CA  
214 C CA  B LEU C 2  ? 0.2932 0.1665 0.1546 -0.1197 0.0309  -0.0150 2  LEU C CA  
215 C C   A LEU C 2  ? 0.2701 0.2271 0.2389 -0.0673 0.0322  -0.0110 2  LEU C C   
216 C C   B LEU C 2  ? 0.2304 0.1786 0.1700 -0.1025 -0.0134 -0.0368 2  LEU C C   
217 O O   A LEU C 2  ? 0.2655 0.1414 0.2371 -0.0308 0.0198  -0.0200 2  LEU C O   
218 O O   B LEU C 2  ? 0.2132 0.1383 0.1160 -0.0643 0.0128  0.0037  2  LEU C O   
219 C CB  A LEU C 2  ? 0.2328 0.2043 0.2000 -0.0638 0.0282  -0.0258 2  LEU C CB  
220 C CB  B LEU C 2  ? 0.2773 0.2060 0.1739 -0.0898 0.0106  0.0028  2  LEU C CB  
221 C CG  A LEU C 2  ? 0.2032 0.1466 0.1813 -0.0902 0.0460  0.0071  2  LEU C CG  
222 C CG  B LEU C 2  ? 0.2802 0.1782 0.1791 -0.0763 -0.0233 0.0089  2  LEU C CG  
223 C CD1 A LEU C 2  ? 0.2634 0.1742 0.2239 -0.1077 -0.0201 -0.0220 2  LEU C CD1 
224 C CD1 B LEU C 2  ? 0.2820 0.1879 0.2021 -0.1240 -0.0702 0.0288  2  LEU C CD1 
225 C CD2 A LEU C 2  ? 0.2224 0.1503 0.2249 -0.0875 0.0805  -0.0482 2  LEU C CD2 
226 C CD2 B LEU C 2  ? 0.2629 0.1689 0.2012 -0.0714 -0.0170 -0.0003 2  LEU C CD2 
227 N N   A LYS C 3  ? 0.2762 0.2345 0.1121 -0.0897 0.0199  0.0161  3  LYS C N   
228 N N   B LYS C 3  ? 0.2024 0.1291 0.2044 -0.0649 -0.0341 -0.0577 3  LYS C N   
229 C CA  A LYS C 3  ? 0.2543 0.1786 0.0829 -0.0672 0.0270  0.0098  3  LYS C CA  
230 C CA  B LYS C 3  ? 0.2595 0.0997 0.2039 -0.0519 -0.0228 -0.0345 3  LYS C CA  
231 C C   A LYS C 3  ? 0.2036 0.1633 0.0798 -0.0740 0.0243  -0.0003 3  LYS C C   
232 C C   B LYS C 3  ? 0.2257 0.1525 0.1556 -0.0163 -0.0115 -0.0250 3  LYS C C   
233 O O   A LYS C 3  ? 0.2034 0.1762 0.1601 -0.0534 0.0276  -0.0178 3  LYS C O   
234 O O   B LYS C 3  ? 0.2388 0.1144 0.1321 -0.0384 0.0055  -0.0313 3  LYS C O   
235 C CB  A LYS C 3  ? 0.1633 0.2259 0.1403 -0.0145 0.0006  -0.0164 3  LYS C CB  
236 C CB  B LYS C 3  ? 0.2730 0.2043 0.2111 -0.0583 -0.0215 -0.0453 3  LYS C CB  
237 C CG  A LYS C 3  ? 0.1493 0.1690 0.1396 -0.0252 0.0295  0.0007  3  LYS C CG  
238 C CG  B LYS C 3  ? 0.3106 0.1842 0.2138 -0.0620 -0.0141 -0.0399 3  LYS C CG  
239 C CD  A LYS C 3  ? 0.1465 0.1502 0.1296 -0.0311 0.0326  0.0219  3  LYS C CD  
240 C CD  B LYS C 3  ? 0.3328 0.1787 0.1928 0.0002  0.0027  -0.0926 3  LYS C CD  
241 C CE  A LYS C 3  ? 0.1475 0.2024 0.1367 -0.0116 0.0025  0.0441  3  LYS C CE  
242 C CE  B LYS C 3  ? 0.2734 0.2230 0.1737 -0.0131 0.0126  -0.0410 3  LYS C CE  
243 N NZ  A LYS C 3  ? 0.1378 0.2428 0.1499 0.0426  0.0615  0.0249  3  LYS C NZ  
244 N NZ  B LYS C 3  ? 0.2304 0.2997 0.1583 -0.0457 -0.0190 -0.0165 3  LYS C NZ  
245 N N   . VAL C 4  ? 0.1598 0.0906 0.1661 -0.0299 0.0028  -0.0042 4  VAL C N   
246 C CA  . VAL C 4  ? 0.1563 0.0995 0.1719 -0.0265 -0.0024 -0.0135 4  VAL C CA  
247 C C   . VAL C 4  ? 0.1682 0.1049 0.1373 -0.0189 -0.0019 -0.0228 4  VAL C C   
248 O O   . VAL C 4  ? 0.1244 0.1354 0.1627 0.0025  0.0071  0.0155  4  VAL C O   
249 C CB  . VAL C 4  ? 0.1501 0.1458 0.1481 0.0037  -0.0148 -0.0094 4  VAL C CB  
250 C CG1 . VAL C 4  ? 0.2038 0.1480 0.1871 -0.0113 -0.0152 -0.0196 4  VAL C CG1 
251 C CG2 . VAL C 4  ? 0.1703 0.1402 0.1698 -0.0279 -0.0370 0.0254  4  VAL C CG2 
252 N N   . LEU C 5  ? 0.1613 0.0978 0.1615 -0.0315 0.0054  -0.0094 5  LEU C N   
253 C CA  . LEU C 5  ? 0.1524 0.1043 0.1913 -0.0119 -0.0376 -0.0127 5  LEU C CA  
254 C C   . LEU C 5  ? 0.1726 0.0956 0.1865 -0.0501 0.0031  -0.0122 5  LEU C C   
255 O O   . LEU C 5  ? 0.3217 0.1976 0.1659 -0.1267 0.0686  -0.0123 5  LEU C O   
256 C CB  . LEU C 5  ? 0.1734 0.1694 0.2378 0.0045  -0.0681 0.0088  5  LEU C CB  
257 C CG  . LEU C 5  ? 0.3377 0.3284 0.4446 0.1084  -0.1448 -0.0147 5  LEU C CG  
258 C CD1 . LEU C 5  ? 0.4008 0.4138 0.4410 0.1399  -0.1927 0.0027  5  LEU C CD1 
259 C CD2 . LEU C 5  ? 0.3437 0.3972 0.3961 0.1666  -0.1574 -0.0391 5  LEU C CD2 
260 N N   . GLY C 6  ? 0.1856 0.1455 0.1565 -0.0605 0.0001  -0.0342 6  GLY C N   
261 C CA  . GLY C 6  ? 0.2188 0.1624 0.1973 -0.1012 -0.0164 -0.0347 6  GLY C CA  
262 C C   . GLY C 6  ? 0.1436 0.1191 0.1576 -0.0427 0.0001  -0.0181 6  GLY C C   
263 O O   . GLY C 6  ? 0.2109 0.1177 0.1352 0.0018  0.0182  -0.0054 6  GLY C O   
264 N N   . ASP C 7  ? 0.1427 0.1290 0.1738 -0.0365 -0.0270 -0.0126 7  ASP C N   
265 C CA  . ASP C 7  ? 0.1238 0.1173 0.1823 -0.0391 0.0035  -0.0087 7  ASP C CA  
266 C C   . ASP C 7  ? 0.1686 0.1363 0.1310 -0.0403 -0.0100 0.0243  7  ASP C C   
267 O O   . ASP C 7  ? 0.1526 0.1403 0.1559 -0.0428 0.0012  0.0285  7  ASP C O   
268 C CB  . ASP C 7  ? 0.1604 0.1414 0.1771 0.0233  -0.0153 -0.0126 7  ASP C CB  
269 C CG  . ASP C 7  ? 0.2157 0.2177 0.2526 0.0772  0.0439  0.0162  7  ASP C CG  
270 O OD1 . ASP C 7  ? 0.2627 0.3684 0.2568 0.1104  0.0093  0.0045  7  ASP C OD1 
271 O OD2 . ASP C 7  ? 0.2702 0.3592 0.3648 0.0136  0.0014  0.0716  7  ASP C OD2 
272 N N   . VAL C 8  ? 0.1376 0.1347 0.1701 -0.0487 -0.0250 0.0037  8  VAL C N   
273 C CA  . VAL C 8  ? 0.1293 0.1192 0.1667 -0.0477 -0.0076 -0.0081 8  VAL C CA  
274 C C   . VAL C 8  ? 0.1658 0.1543 0.1935 -0.0353 -0.0534 0.0340  8  VAL C C   
275 O O   . VAL C 8  ? 0.2418 0.1413 0.2293 -0.0199 -0.0776 0.0011  8  VAL C O   
276 C CB  . VAL C 8  ? 0.1230 0.1389 0.1762 -0.0500 0.0049  0.0024  8  VAL C CB  
277 C CG1 . VAL C 8  ? 0.1297 0.1554 0.2257 -0.0266 -0.0265 0.0156  8  VAL C CG1 
278 C CG2 . VAL C 8  ? 0.1813 0.1587 0.1573 -0.0061 -0.0194 -0.0240 8  VAL C CG2 
279 N N   . ILE C 9  ? 0.1623 0.1570 0.1678 0.0036  -0.0212 -0.0273 9  ILE C N   
280 C CA  A ILE C 9  ? 0.1896 0.1994 0.1699 0.0378  -0.0414 -0.0423 9  ILE C CA  
281 C CA  B ILE C 9  ? 0.1884 0.1603 0.2051 -0.0013 -0.0250 -0.0274 9  ILE C CA  
282 C C   . ILE C 9  ? 0.2220 0.1504 0.2036 0.0115  -0.0804 -0.0155 9  ILE C C   
283 O O   . ILE C 9  ? 0.2352 0.1757 0.3779 0.0093  -0.1568 -0.0345 9  ILE C O   
284 C CB  A ILE C 9  ? 0.2406 0.2446 0.1398 0.0492  -0.0143 -0.0526 9  ILE C CB  
285 C CB  B ILE C 9  ? 0.2697 0.2300 0.2465 0.0017  0.0134  -0.0527 9  ILE C CB  
286 C CG1 A ILE C 9  ? 0.2045 0.2480 0.1302 0.0620  0.0069  -0.0005 9  ILE C CG1 
287 C CG1 B ILE C 9  ? 0.2212 0.2519 0.2441 0.0209  0.0418  -0.0489 9  ILE C CG1 
288 C CG2 A ILE C 9  ? 0.1890 0.2417 0.2658 0.0270  -0.0230 -0.0670 9  ILE C CG2 
289 C CG2 B ILE C 9  ? 0.3219 0.1928 0.2943 0.0117  0.0627  -0.0396 9  ILE C CG2 
290 C CD1 A ILE C 9  ? 0.2732 0.3494 0.1150 0.0149  0.0677  0.0031  9  ILE C CD1 
291 C CD1 B ILE C 9  ? 0.2267 0.2065 0.2738 0.0143  0.0546  -0.0768 9  ILE C CD1 
292 N N   . GLU C 10 ? 0.2489 0.1585 0.1426 -0.0204 -0.0379 -0.0333 10 GLU C N   
293 C CA  A GLU C 10 ? 0.2401 0.1633 0.1806 -0.0514 -0.0659 -0.0390 10 GLU C CA  
294 C CA  B GLU C 10 ? 0.2551 0.1780 0.1645 -0.0536 -0.0535 -0.0351 10 GLU C CA  
295 C C   . GLU C 10 ? 0.2338 0.2494 0.1471 0.0048  -0.0463 -0.0519 10 GLU C C   
296 O O   . GLU C 10 ? 0.2634 0.2944 0.1922 0.0606  -0.0289 -0.0657 10 GLU C O   
297 C CB  A GLU C 10 ? 0.2802 0.1860 0.2672 -0.0728 -0.1059 -0.0177 10 GLU C CB  
298 C CB  B GLU C 10 ? 0.3127 0.1925 0.1900 -0.0936 -0.0748 -0.0244 10 GLU C CB  
299 C CG  A GLU C 10 ? 0.3346 0.1636 0.3285 -0.0910 -0.0959 0.0272  10 GLU C CG  
300 C CG  B GLU C 10 ? 0.3519 0.1702 0.2118 -0.1213 -0.0446 0.0000  10 GLU C CG  
301 C CD  A GLU C 10 ? 0.3156 0.2893 0.3600 -0.0219 -0.0727 0.0031  10 GLU C CD  
302 C CD  B GLU C 10 ? 0.3073 0.3430 0.2724 -0.0878 -0.0364 0.0098  10 GLU C CD  
303 O OE1 A GLU C 10 ? 0.3682 0.2002 0.4469 -0.0308 0.0050  -0.0582 10 GLU C OE1 
304 O OE1 B GLU C 10 ? 0.2406 0.4432 0.3445 -0.1077 -0.0178 0.0603  10 GLU C OE1 
305 O OE2 A GLU C 10 ? 0.3693 0.2596 0.4136 0.0072  -0.0344 0.0471  10 GLU C OE2 
306 O OE2 B GLU C 10 ? 0.2855 0.3607 0.3565 -0.0392 -0.0090 -0.0731 10 GLU C OE2 
307 N N   . VAL C 11 ? 0.2406 0.1709 0.1481 -0.0248 -0.0275 -0.0355 11 VAL C N   
308 C CA  . VAL C 11 ? 0.2596 0.2058 0.1516 -0.0042 -0.0157 -0.0462 11 VAL C CA  
309 C C   . VAL C 11 ? 0.2483 0.2812 0.1329 -0.0173 0.0000  -0.0529 11 VAL C C   
310 O O   . VAL C 11 ? 0.2961 0.2632 0.1408 0.0185  -0.0275 -0.0418 11 VAL C O   
311 C CB  . VAL C 11 ? 0.3375 0.2007 0.2705 0.0072  0.0738  -0.0213 11 VAL C CB  
312 C CG1 . VAL C 11 ? 0.3371 0.2581 0.2785 -0.0451 0.0808  0.0032  11 VAL C CG1 
313 C CG2 . VAL C 11 ? 0.4098 0.1998 0.2905 0.0340  0.0825  -0.0215 11 VAL C CG2 
314 O OXT . VAL C 11 ? 0.2675 0.3124 0.1930 -0.0383 -0.0113 -0.0772 11 VAL C OXT 
315 N N   . LYS D 1  ? 0.2971 0.1926 0.2265 -0.0655 -0.0474 -0.0476 1  LYS D N   
316 C CA  . LYS D 1  ? 0.2201 0.1969 0.1867 -0.0626 -0.0676 -0.0164 1  LYS D CA  
317 C C   . LYS D 1  ? 0.1884 0.1717 0.1211 -0.0413 -0.0083 0.0028  1  LYS D C   
318 O O   . LYS D 1  ? 0.2342 0.2240 0.1471 0.0039  -0.0138 -0.0543 1  LYS D O   
319 C CB  . LYS D 1  ? 0.2125 0.3008 0.2771 -0.0372 -0.0910 0.0232  1  LYS D CB  
320 C CG  . LYS D 1  ? 0.3368 0.3567 0.3407 -0.0302 -0.1401 0.0449  1  LYS D CG  
321 C CD  . LYS D 1  ? 0.3458 0.4663 0.3491 -0.0024 -0.1290 -0.0086 1  LYS D CD  
322 C CE  . LYS D 1  ? 0.3480 0.5407 0.5064 -0.0349 -0.0476 -0.0243 1  LYS D CE  
323 N NZ  . LYS D 1  ? 0.2845 0.6166 0.6414 -0.1136 -0.1043 -0.0375 1  LYS D NZ  
324 N N   . LEU D 2  ? 0.2039 0.2196 0.1271 -0.0661 -0.0140 -0.0074 2  LEU D N   
325 C CA  . LEU D 2  ? 0.2031 0.2107 0.0940 -0.1016 0.0000  -0.0017 2  LEU D CA  
326 C C   . LEU D 2  ? 0.1268 0.1725 0.1530 -0.0344 -0.0182 0.0053  2  LEU D C   
327 O O   . LEU D 2  ? 0.1559 0.1725 0.2000 0.0166  -0.0136 -0.0368 2  LEU D O   
328 C CB  . LEU D 2  ? 0.1893 0.2065 0.1419 -0.0793 0.0191  -0.0087 2  LEU D CB  
329 C CG  . LEU D 2  ? 0.2418 0.1495 0.1721 -0.0787 0.0453  -0.0096 2  LEU D CG  
330 C CD1 . LEU D 2  ? 0.3034 0.2450 0.1576 -0.0707 0.0601  -0.0113 2  LEU D CD1 
331 C CD2 . LEU D 2  ? 0.2581 0.1711 0.2068 -0.0662 -0.0083 -0.0056 2  LEU D CD2 
332 N N   . LYS D 3  ? 0.1006 0.1488 0.1782 -0.0581 -0.0221 0.0214  3  LYS D N   
333 C CA  . LYS D 3  ? 0.1109 0.1681 0.1570 -0.0186 0.0020  0.0177  3  LYS D CA  
334 C C   . LYS D 3  ? 0.1224 0.1132 0.1883 -0.0092 -0.0022 -0.0096 3  LYS D C   
335 O O   . LYS D 3  ? 0.1743 0.1349 0.1573 -0.0357 -0.0296 0.0077  3  LYS D O   
336 C CB  . LYS D 3  ? 0.1423 0.2143 0.1371 -0.0330 -0.0157 0.0220  3  LYS D CB  
337 C CG  . LYS D 3  ? 0.2241 0.2225 0.2401 -0.0445 -0.0652 0.0104  3  LYS D CG  
338 C CD  . LYS D 3  ? 0.2715 0.2660 0.3024 0.0558  -0.1268 -0.0425 3  LYS D CD  
339 C CE  . LYS D 3  ? 0.2903 0.2393 0.3181 0.1159  -0.1314 -0.0809 3  LYS D CE  
340 N NZ  . LYS D 3  ? 0.3610 0.3386 0.3157 0.1273  -0.0715 -0.0518 3  LYS D NZ  
341 N N   . VAL D 4  ? 0.1140 0.1370 0.2015 -0.0383 -0.0248 -0.0104 4  VAL D N   
342 C CA  A VAL D 4  ? 0.1066 0.1445 0.2083 -0.0181 -0.0087 -0.0135 4  VAL D CA  
343 C CA  B VAL D 4  ? 0.1067 0.1286 0.2030 -0.0474 -0.0229 0.0059  4  VAL D CA  
344 C C   . VAL D 4  ? 0.1046 0.1551 0.2064 -0.0519 -0.0247 0.0227  4  VAL D C   
345 O O   . VAL D 4  ? 0.1660 0.1778 0.2223 -0.0440 -0.0359 0.0499  4  VAL D O   
346 C CB  A VAL D 4  ? 0.1871 0.1987 0.1865 -0.0051 0.0115  -0.0448 4  VAL D CB  
347 C CB  B VAL D 4  ? 0.1543 0.1261 0.1867 -0.0534 -0.0183 0.0200  4  VAL D CB  
348 C CG1 A VAL D 4  ? 0.1757 0.2567 0.2112 -0.0203 0.0037  -0.0720 4  VAL D CG1 
349 C CG1 B VAL D 4  ? 0.1817 0.1455 0.2056 -0.0778 0.0181  -0.0272 4  VAL D CG1 
350 C CG2 A VAL D 4  ? 0.2540 0.2698 0.1781 -0.0342 0.0707  -0.0437 4  VAL D CG2 
351 C CG2 B VAL D 4  ? 0.1229 0.0809 0.2154 -0.0301 -0.0426 0.0428  4  VAL D CG2 
352 N N   . LEU D 5  ? 0.1145 0.1488 0.1439 -0.0246 -0.0052 -0.0075 5  LEU D N   
353 C CA  . LEU D 5  ? 0.1091 0.1900 0.1351 -0.0080 -0.0054 -0.0058 5  LEU D CA  
354 C C   . LEU D 5  ? 0.1425 0.1180 0.1674 -0.0105 0.0245  0.0148  5  LEU D C   
355 O O   . LEU D 5  ? 0.1889 0.1453 0.1844 -0.0245 -0.0075 0.0313  5  LEU D O   
356 C CB  . LEU D 5  ? 0.1833 0.1578 0.2457 -0.0129 0.0560  -0.0009 5  LEU D CB  
357 C CG  . LEU D 5  ? 0.2197 0.2336 0.2485 0.0106  0.0179  0.0019  5  LEU D CG  
358 C CD1 . LEU D 5  ? 0.3487 0.2371 0.2224 -0.0156 0.0790  0.0525  5  LEU D CD1 
359 C CD2 . LEU D 5  ? 0.3194 0.2269 0.3437 0.0689  0.1384  -0.0300 5  LEU D CD2 
360 N N   . GLY D 6  ? 0.1208 0.1286 0.1676 -0.0127 -0.0040 -0.0018 6  GLY D N   
361 C CA  . GLY D 6  ? 0.1136 0.1295 0.1966 -0.0508 -0.0359 -0.0135 6  GLY D CA  
362 C C   . GLY D 6  ? 0.1216 0.1510 0.1537 -0.0156 -0.0060 -0.0142 6  GLY D C   
363 O O   . GLY D 6  ? 0.1322 0.1659 0.1515 -0.0034 -0.0003 0.0077  6  GLY D O   
364 N N   . ASP D 7  ? 0.1273 0.1477 0.1686 -0.0610 -0.0185 -0.0243 7  ASP D N   
365 C CA  . ASP D 7  ? 0.1261 0.1694 0.1554 -0.0358 -0.0093 -0.0366 7  ASP D CA  
366 C C   . ASP D 7  ? 0.1845 0.1550 0.1065 -0.0236 0.0268  -0.0394 7  ASP D C   
367 O O   . ASP D 7  ? 0.1818 0.1490 0.1498 -0.0308 0.0439  -0.0242 7  ASP D O   
368 C CB  . ASP D 7  ? 0.1620 0.1775 0.2099 0.0141  0.0160  -0.0169 7  ASP D CB  
369 C CG  . ASP D 7  ? 0.2871 0.1948 0.2728 0.0262  0.0289  -0.0313 7  ASP D CG  
370 O OD1 . ASP D 7  ? 0.2883 0.2266 0.2225 0.0201  0.0365  -0.0533 7  ASP D OD1 
371 O OD2 . ASP D 7  ? 0.3779 0.2839 0.3459 0.0063  0.0549  -0.0505 7  ASP D OD2 
372 N N   . VAL D 8  ? 0.2532 0.1458 0.2052 -0.0672 0.0239  -0.0355 8  VAL D N   
373 C CA  . VAL D 8  ? 0.2399 0.1640 0.1724 -0.1122 0.0356  -0.0129 8  VAL D CA  
374 C C   . VAL D 8  ? 0.2464 0.1862 0.1757 -0.0776 0.0565  -0.0738 8  VAL D C   
375 O O   . VAL D 8  ? 0.2274 0.2635 0.2155 -0.0574 0.0738  -0.0783 8  VAL D O   
376 C CB  . VAL D 8  ? 0.2501 0.1502 0.2034 -0.0877 0.0161  -0.0041 8  VAL D CB  
377 C CG1 . VAL D 8  ? 0.2507 0.1593 0.2471 -0.0291 0.0136  -0.0402 8  VAL D CG1 
378 C CG2 . VAL D 8  ? 0.2520 0.2311 0.1643 -0.0969 -0.0128 0.0219  8  VAL D CG2 
379 N N   . ILE D 9  ? 0.2364 0.1925 0.2273 -0.1039 0.0107  -0.0434 9  ILE D N   
380 C CA  . ILE D 9  ? 0.2537 0.2690 0.2541 -0.1114 -0.0050 -0.0268 9  ILE D CA  
381 C C   . ILE D 9  ? 0.2786 0.3015 0.1999 -0.0914 0.0097  -0.0710 9  ILE D C   
382 O O   . ILE D 9  ? 0.2585 0.2373 0.3507 -0.0600 -0.0294 -0.1323 9  ILE D O   
383 C CB  . ILE D 9  ? 0.3136 0.2819 0.3196 -0.0837 0.0045  0.0390  9  ILE D CB  
384 C CG1 . ILE D 9  ? 0.3633 0.2620 0.3311 -0.0729 0.0095  0.0853  9  ILE D CG1 
385 C CG2 . ILE D 9  ? 0.3327 0.3086 0.3398 -0.0105 -0.0692 -0.0035 9  ILE D CG2 
386 C CD1 . ILE D 9  ? 0.4079 0.2462 0.4439 -0.0299 0.0117  0.0257  9  ILE D CD1 
387 N N   . GLU D 10 ? 0.2566 0.2381 0.2347 -0.0818 0.0088  -0.0666 10 GLU D N   
388 C CA  . GLU D 10 ? 0.3386 0.3219 0.2759 -0.1900 0.0309  -0.0600 10 GLU D CA  
389 C C   . GLU D 10 ? 0.3352 0.4060 0.1889 -0.1186 0.0002  -0.0549 10 GLU D C   
390 O O   . GLU D 10 ? 0.3424 0.5148 0.2434 -0.1328 0.0118  -0.0192 10 GLU D O   
391 C CB  . GLU D 10 ? 0.3615 0.3297 0.4191 -0.1558 0.0113  -0.0867 10 GLU D CB  
392 C CG  . GLU D 10 ? 0.4542 0.3701 0.4023 -0.2270 0.0766  0.0131  10 GLU D CG  
393 C CD  . GLU D 10 ? 0.4869 0.3686 0.5033 -0.1476 0.0697  -0.0361 10 GLU D CD  
394 O OE1 . GLU D 10 ? 0.5351 0.5127 0.5595 -0.2020 0.0657  0.0102  10 GLU D OE1 
395 O OE2 . GLU D 10 ? 0.5492 0.3923 0.5588 -0.0162 0.0341  -0.1164 10 GLU D OE2 
396 N N   . VAL D 11 ? 0.2983 0.4319 0.1533 -0.1653 0.0086  -0.0517 11 VAL D N   
397 C CA  . VAL D 11 ? 0.2934 0.4717 0.1618 -0.1465 -0.0086 -0.0278 11 VAL D CA  
398 C C   . VAL D 11 ? 0.3897 0.5366 0.1723 -0.1321 -0.0139 -0.0497 11 VAL D C   
399 O O   . VAL D 11 ? 0.4250 0.4063 0.3092 -0.1109 0.0088  -0.0360 11 VAL D O   
400 C CB  . VAL D 11 ? 0.2559 0.4249 0.2126 -0.0692 -0.0569 0.0079  11 VAL D CB  
401 C CG1 . VAL D 11 ? 0.3288 0.4419 0.2349 -0.0332 -0.0530 -0.0614 11 VAL D CG1 
402 C CG2 . VAL D 11 ? 0.2779 0.3442 0.2275 -0.0465 -0.0682 0.0500  11 VAL D CG2 
403 O OXT . VAL D 11 ? 0.4349 0.6684 0.2378 -0.1620 -0.0426 -0.0944 11 VAL D OXT 
404 C C1  . MRD E .  ? 0.5138 0.2782 0.5117 -0.0735 0.0364  0.1132  12 MRD A C1  
405 C C2  . MRD E .  ? 0.5413 0.4319 0.5714 -0.0030 0.0249  0.0343  12 MRD A C2  
406 O O2  . MRD E .  ? 0.6043 0.5050 0.6709 0.0495  0.0681  -0.0157 12 MRD A O2  
407 C CM  . MRD E .  ? 0.5627 0.4837 0.6364 -0.0194 0.0232  0.0346  12 MRD A CM  
408 C C3  . MRD E .  ? 0.5260 0.4074 0.6356 0.0326  0.0282  0.0096  12 MRD A C3  
409 C C4  . MRD E .  ? 0.4927 0.3249 0.6190 -0.0131 0.0433  0.0391  12 MRD A C4  
410 O O4  . MRD E .  ? 0.4667 0.3128 0.5481 0.0406  0.0954  0.0214  12 MRD A O4  
411 C C5  . MRD E .  ? 0.4930 0.2757 0.6032 -0.1371 0.0773  0.1201  12 MRD A C5  
412 C C1  . MPD F .  ? 0.4579 0.3474 0.5183 0.0939  0.0443  -0.0807 12 MPD B C1  
413 C C2  . MPD F .  ? 0.4937 0.3764 0.4625 0.0669  0.0390  -0.0540 12 MPD B C2  
414 O O2  . MPD F .  ? 0.4047 0.4444 0.3859 0.0842  -0.0075 -0.0150 12 MPD B O2  
415 C CM  . MPD F .  ? 0.5349 0.3737 0.4718 0.0896  0.0674  -0.0245 12 MPD B CM  
416 C C3  . MPD F .  ? 0.5099 0.3783 0.5354 0.0627  0.0284  -0.0800 12 MPD B C3  
417 C C4  . MPD F .  ? 0.4745 0.3056 0.5872 0.1254  0.0168  -0.1157 12 MPD B C4  
418 O O4  . MPD F .  ? 0.4809 0.3670 0.5726 0.1222  -0.0318 -0.1053 12 MPD B O4  
419 C C5  . MPD F .  ? 0.3954 0.3748 0.6194 0.1646  0.0120  -0.0952 12 MPD B C5  
420 C C1  . MPD G .  ? 0.3320 0.5245 0.5864 -0.0669 -0.0714 0.0570  12 MPD C C1  
421 C C2  . MPD G .  ? 0.4126 0.4148 0.5771 -0.0612 -0.0275 0.0647  12 MPD C C2  
422 O O2  . MPD G .  ? 0.4262 0.3854 0.5266 -0.0667 -0.0259 0.0471  12 MPD C O2  
423 C CM  . MPD G .  ? 0.4458 0.5054 0.6418 -0.0313 -0.0546 0.0954  12 MPD C CM  
424 C C3  . MPD G .  ? 0.3484 0.4178 0.5545 -0.0854 -0.0547 0.0602  12 MPD C C3  
425 C C4  . MPD G .  ? 0.4909 0.4520 0.5324 -0.0869 -0.0543 0.0718  12 MPD C C4  
426 O O4  . MPD G .  ? 0.4658 0.4125 0.6509 -0.1168 -0.0923 0.0594  12 MPD C O4  
427 C C5  . MPD G .  ? 0.5160 0.4773 0.4950 -0.1182 -0.0574 0.1001  12 MPD C C5  
428 O O   . HOH H .  ? 0.2095 0.3108 0.3852 -0.0080 0.0217  0.0883  13 HOH A O   
429 O O   . HOH H .  ? 0.4697 0.3100 0.4093 -0.0861 -0.0768 0.0269  14 HOH A O   
430 O O   . HOH H .  ? 0.6152 0.4349 0.6981 -0.1362 -0.0612 -0.2646 24 HOH A O   
431 O O   . HOH H .  ? 0.3427 0.3792 0.4626 0.0050  -0.0246 0.0598  25 HOH A O   
432 O O   . HOH H .  ? 0.6980 0.4859 0.8024 0.1445  0.2231  -0.1887 29 HOH A O   
433 O O   . HOH H .  ? 0.5608 0.4751 0.4522 -0.0590 -0.0605 -0.0425 38 HOH A O   
434 O O   . HOH I .  ? 0.3069 0.2607 0.3647 -0.0849 -0.0921 0.0970  13 HOH B O   
435 O O   . HOH I .  ? 0.2811 0.5509 0.3601 -0.1280 0.0688  -0.1881 14 HOH B O   
436 O O   . HOH I .  ? 0.6889 0.2522 0.2285 -0.0041 0.0138  0.0462  15 HOH B O   
437 O O   . HOH I .  ? 0.3835 0.6814 0.4364 -0.1632 0.1137  -0.1174 21 HOH B O   
438 O O   . HOH I .  ? 0.8399 0.6941 0.4005 -0.3974 0.0828  0.0429  31 HOH B O   
439 O O   . HOH I .  ? 0.4411 0.3390 0.2997 -0.0814 0.0285  0.0563  34 HOH B O   
440 O O   . HOH I .  ? 0.4492 1.1169 0.8995 0.0820  0.2566  -0.1774 35 HOH B O   
441 O O   . HOH I .  ? 0.7924 0.4252 0.7261 0.1895  -0.1873 0.1633  37 HOH B O   
442 O O   . HOH J .  ? 0.4209 0.2164 0.3644 0.1056  -0.1129 -0.0349 13 HOH C O   
443 O O   . HOH J .  ? 0.4010 0.3440 0.5238 0.0388  -0.0097 0.1542  14 HOH C O   
444 O O   . HOH J .  ? 0.4125 0.6546 0.5801 -0.0939 -0.1307 -0.2606 15 HOH C O   
445 O O   . HOH J .  ? 0.4797 0.3807 0.5143 -0.1410 0.1627  -0.0567 16 HOH C O   
446 O O   . HOH J .  ? 0.4425 0.3515 0.6647 0.0213  -0.1994 -0.2117 18 HOH C O   
447 O O   . HOH J .  ? 0.3858 0.3826 0.3833 -0.0007 0.0015  -0.0002 39 HOH C O   
448 O O   . HOH K .  ? 0.3151 0.5153 0.3722 0.0096  -0.0487 -0.0877 12 HOH D O   
449 O O   . HOH K .  ? 0.4329 0.3457 0.3371 0.1225  -0.0888 -0.0675 13 HOH D O   
450 O O   . HOH K .  ? 0.4437 0.5720 0.3370 -0.2328 -0.0797 0.1575  14 HOH D O   
451 O O   . HOH K .  ? 0.3423 0.6912 0.3713 0.1694  -0.1355 -0.2087 15 HOH D O   
452 O O   . HOH K .  ? 0.5432 0.6787 1.6263 -0.1192 0.2878  -0.4538 16 HOH D O   
453 O O   . HOH K .  ? 0.4789 0.4485 0.4540 -0.1790 0.0372  -0.1136 17 HOH D O   
454 O O   . HOH K .  ? 0.5142 0.4605 0.5460 0.0404  0.2193  -0.1153 23 HOH D O   
455 O O   . HOH K .  ? 0.3573 0.4416 1.3037 0.0470  -0.0189 0.1303  27 HOH D O   
456 O O   . HOH K .  ? 0.2509 0.7054 0.5165 0.0030  0.0182  -0.3343 33 HOH D O   
457 O O   . HOH K .  ? 0.4906 0.6256 0.3393 0.0450  0.0381  -0.1190 36 HOH D O   
# 
loop_
_pdbx_poly_seq_scheme.asym_id 
_pdbx_poly_seq_scheme.entity_id 
_pdbx_poly_seq_scheme.seq_id 
_pdbx_poly_seq_scheme.mon_id 
_pdbx_poly_seq_scheme.ndb_seq_num 
_pdbx_poly_seq_scheme.pdb_seq_num 
_pdbx_poly_seq_scheme.auth_seq_num 
_pdbx_poly_seq_scheme.pdb_mon_id 
_pdbx_poly_seq_scheme.auth_mon_id 
_pdbx_poly_seq_scheme.pdb_strand_id 
_pdbx_poly_seq_scheme.pdb_ins_code 
_pdbx_poly_seq_scheme.hetero 
A 1 1  LYS 1  1  1  LYS LYS A . n 
A 1 2  LEU 2  2  2  LEU LEU A . n 
A 1 3  LYS 3  3  3  LYS LYS A . n 
A 1 4  VAL 4  4  4  VAL VAL A . n 
A 1 5  LEU 5  5  5  LEU LEU A . n 
A 1 6  GLY 6  6  6  GLY GLY A . n 
A 1 7  ASP 7  7  7  ASP ASP A . n 
A 1 8  VAL 8  8  8  VAL VAL A . n 
A 1 9  ILE 9  9  9  ILE ILE A . n 
A 1 10 GLU 10 10 10 GLU GLU A . n 
A 1 11 VAL 11 11 11 VAL VAL A . n 
B 1 1  LYS 1  1  1  LYS LYS B . n 
B 1 2  LEU 2  2  2  LEU LEU B . n 
B 1 3  LYS 3  3  3  LYS LYS B . n 
B 1 4  VAL 4  4  4  VAL VAL B . n 
B 1 5  LEU 5  5  5  LEU LEU B . n 
B 1 6  GLY 6  6  6  GLY GLY B . n 
B 1 7  ASP 7  7  7  ASP ASP B . n 
B 1 8  VAL 8  8  8  VAL VAL B . n 
B 1 9  ILE 9  9  9  ILE ILE B . n 
B 1 10 GLU 10 10 10 GLU GLU B . n 
B 1 11 VAL 11 11 11 VAL VAL B . n 
C 1 1  LYS 1  1  1  LYS LYS C . n 
C 1 2  LEU 2  2  2  LEU LEU C . n 
C 1 3  LYS 3  3  3  LYS LYS C . n 
C 1 4  VAL 4  4  4  VAL VAL C . n 
C 1 5  LEU 5  5  5  LEU LEU C . n 
C 1 6  GLY 6  6  6  GLY GLY C . n 
C 1 7  ASP 7  7  7  ASP ASP C . n 
C 1 8  VAL 8  8  8  VAL VAL C . n 
C 1 9  ILE 9  9  9  ILE ILE C . n 
C 1 10 GLU 10 10 10 GLU GLU C . n 
C 1 11 VAL 11 11 11 VAL VAL C . n 
D 1 1  LYS 1  1  1  LYS LYS D . n 
D 1 2  LEU 2  2  2  LEU LEU D . n 
D 1 3  LYS 3  3  3  LYS LYS D . n 
D 1 4  VAL 4  4  4  VAL VAL D . n 
D 1 5  LEU 5  5  5  LEU LEU D . n 
D 1 6  GLY 6  6  6  GLY GLY D . n 
D 1 7  ASP 7  7  7  ASP ASP D . n 
D 1 8  VAL 8  8  8  VAL VAL D . n 
D 1 9  ILE 9  9  9  ILE ILE D . n 
D 1 10 GLU 10 10 10 GLU GLU D . n 
D 1 11 VAL 11 11 11 VAL VAL D . n 
# 
loop_
_pdbx_nonpoly_scheme.asym_id 
_pdbx_nonpoly_scheme.entity_id 
_pdbx_nonpoly_scheme.mon_id 
_pdbx_nonpoly_scheme.ndb_seq_num 
_pdbx_nonpoly_scheme.pdb_seq_num 
_pdbx_nonpoly_scheme.auth_seq_num 
_pdbx_nonpoly_scheme.pdb_mon_id 
_pdbx_nonpoly_scheme.auth_mon_id 
_pdbx_nonpoly_scheme.pdb_strand_id 
_pdbx_nonpoly_scheme.pdb_ins_code 
E 2 MRD 1  12 1  MRD MPD A . 
F 3 MPD 1  12 1  MPD MPD B . 
G 3 MPD 1  12 1  MPD MPD C . 
H 4 HOH 1  13 1  HOH HOH A . 
H 4 HOH 2  14 11 HOH HOH A . 
H 4 HOH 3  24 24 HOH HOH A . 
H 4 HOH 4  25 25 HOH HOH A . 
H 4 HOH 5  29 29 HOH HOH A . 
H 4 HOH 6  38 38 HOH HOH A . 
I 4 HOH 1  13 2  HOH HOH B . 
I 4 HOH 2  14 4  HOH HOH B . 
I 4 HOH 3  15 6  HOH HOH B . 
I 4 HOH 4  21 21 HOH HOH B . 
I 4 HOH 5  31 31 HOH HOH B . 
I 4 HOH 6  34 34 HOH HOH B . 
I 4 HOH 7  35 35 HOH HOH B . 
I 4 HOH 8  37 37 HOH HOH B . 
J 4 HOH 1  13 3  HOH HOH C . 
J 4 HOH 2  14 8  HOH HOH C . 
J 4 HOH 3  15 15 HOH HOH C . 
J 4 HOH 4  16 10 HOH HOH C . 
J 4 HOH 5  18 18 HOH HOH C . 
J 4 HOH 6  39 39 HOH HOH C . 
K 4 HOH 1  12 12 HOH HOH D . 
K 4 HOH 2  13 13 HOH HOH D . 
K 4 HOH 3  14 5  HOH HOH D . 
K 4 HOH 4  15 7  HOH HOH D . 
K 4 HOH 5  16 16 HOH HOH D . 
K 4 HOH 6  17 9  HOH HOH D . 
K 4 HOH 7  23 23 HOH HOH D . 
K 4 HOH 8  27 27 HOH HOH D . 
K 4 HOH 9  33 33 HOH HOH D . 
K 4 HOH 10 36 36 HOH HOH D . 
# 
loop_
_pdbx_struct_assembly.id 
_pdbx_struct_assembly.details 
_pdbx_struct_assembly.method_details 
_pdbx_struct_assembly.oligomeric_details 
_pdbx_struct_assembly.oligomeric_count 
1 author_and_software_defined_assembly PISA hexameric 6 
2 author_and_software_defined_assembly PISA hexameric 6 
# 
loop_
_pdbx_struct_assembly_gen.assembly_id 
_pdbx_struct_assembly_gen.oper_expression 
_pdbx_struct_assembly_gen.asym_id_list 
1 1,2,3 A,B,E,F,H,I 
2 1,2,3 C,D,G,J,K   
# 
loop_
_pdbx_struct_assembly_prop.biol_id 
_pdbx_struct_assembly_prop.type 
_pdbx_struct_assembly_prop.value 
_pdbx_struct_assembly_prop.details 
1 'ABSA (A^2)' 7480 ? 
1 MORE         -64  ? 
1 'SSA (A^2)'  4180 ? 
2 'ABSA (A^2)' 6470 ? 
2 MORE         -59  ? 
2 'SSA (A^2)'  4640 ? 
# 
loop_
_pdbx_struct_oper_list.id 
_pdbx_struct_oper_list.type 
_pdbx_struct_oper_list.name 
_pdbx_struct_oper_list.symmetry_operation 
_pdbx_struct_oper_list.matrix[1][1] 
_pdbx_struct_oper_list.matrix[1][2] 
_pdbx_struct_oper_list.matrix[1][3] 
_pdbx_struct_oper_list.vector[1] 
_pdbx_struct_oper_list.matrix[2][1] 
_pdbx_struct_oper_list.matrix[2][2] 
_pdbx_struct_oper_list.matrix[2][3] 
_pdbx_struct_oper_list.vector[2] 
_pdbx_struct_oper_list.matrix[3][1] 
_pdbx_struct_oper_list.matrix[3][2] 
_pdbx_struct_oper_list.matrix[3][3] 
_pdbx_struct_oper_list.vector[3] 
1 'identity operation'         1_555 x,y,z 1.0000000000 0.0000000000 0.0000000000  0.0000000000 0.0000000000 1.0000000000 0.0000000000  0.0000000000  0.0000000000  0.0000000000  1.0000000000  0.0000000000  
2 'crystal symmetry operation' 5_555 z,x,y 0.0045195852 0.5017714005 -0.8649884594 0.7506810566 0.8672372995 0.4286977531 0.2532147365  -1.7005403942 0.4978745220  -0.7512946813 -0.4332173383 -4.2782031506 
3 'crystal symmetry operation' 9_555 y,z,x 0.0045195852 0.8672372995 0.4978745220  3.6013876409 0.5017714005 0.4286977531 -0.7512946813 -2.8618437115 -0.8649884594 0.2532147365  -0.4332173383 -0.7734594432 
# 
loop_
_pdbx_audit_revision_history.ordinal 
_pdbx_audit_revision_history.data_content_type 
_pdbx_audit_revision_history.major_revision 
_pdbx_audit_revision_history.minor_revision 
_pdbx_audit_revision_history.revision_date 
1 'Structure model' 1 0 2012-03-21 
2 'Structure model' 1 1 2023-09-13 
# 
_pdbx_audit_revision_details.ordinal             1 
_pdbx_audit_revision_details.revision_ordinal    1 
_pdbx_audit_revision_details.data_content_type   'Structure model' 
_pdbx_audit_revision_details.provider            repository 
_pdbx_audit_revision_details.type                'Initial release' 
_pdbx_audit_revision_details.description         ? 
_pdbx_audit_revision_details.details             ? 
# 
loop_
_pdbx_audit_revision_group.ordinal 
_pdbx_audit_revision_group.revision_ordinal 
_pdbx_audit_revision_group.data_content_type 
_pdbx_audit_revision_group.group 
1 2 'Structure model' 'Data collection'        
2 2 'Structure model' 'Database references'    
3 2 'Structure model' 'Derived calculations'   
4 2 'Structure model' 'Refinement description' 
# 
loop_
_pdbx_audit_revision_category.ordinal 
_pdbx_audit_revision_category.revision_ordinal 
_pdbx_audit_revision_category.data_content_type 
_pdbx_audit_revision_category.category 
1 2 'Structure model' chem_comp_atom                
2 2 'Structure model' chem_comp_bond                
3 2 'Structure model' database_2                    
4 2 'Structure model' pdbx_initial_refinement_model 
5 2 'Structure model' struct_ref_seq_dif            
6 2 'Structure model' struct_site                   
# 
loop_
_pdbx_audit_revision_item.ordinal 
_pdbx_audit_revision_item.revision_ordinal 
_pdbx_audit_revision_item.data_content_type 
_pdbx_audit_revision_item.item 
1 2 'Structure model' '_database_2.pdbx_DOI'                
2 2 'Structure model' '_database_2.pdbx_database_accession' 
3 2 'Structure model' '_struct_ref_seq_dif.details'         
4 2 'Structure model' '_struct_site.pdbx_auth_asym_id'      
5 2 'Structure model' '_struct_site.pdbx_auth_comp_id'      
6 2 'Structure model' '_struct_site.pdbx_auth_seq_id'       
# 
_phasing.method   MR 
# 
loop_
_software.pdbx_ordinal 
_software.name 
_software.version 
_software.date 
_software.type 
_software.contact_author 
_software.contact_author_email 
_software.classification 
_software.location 
_software.language 
_software.citation_id 
1 DENZO       .       ?               program 'Zbyszek Otwinowski' hkl@hkl-xray.com            'data reduction'  
http://www.hkl-xray.com/                    ?   ? 
2 SCALEPACK   .       ?               program 'Zbyszek Otwinowski' hkl@hkl-xray.com            'data scaling'    
http://www.hkl-xray.com/                    ?   ? 
3 PHASER      .       ?               program 'Randy J. Read'      cimr-phaser@lists.cam.ac.uk phasing           
http://www-structmed.cimr.cam.ac.uk/phaser/ ?   ? 
4 PHENIX      1.7_650 ?               package 'Paul D. Adams'      PDAdams@lbl.gov             refinement        
http://www.phenix-online.org/               C++ ? 
5 PDB_EXTRACT 3.10    'June 10, 2010' package PDB                  deposit@deposit.rcsb.org    'data extraction' 
http://sw-tools.pdb.org/apps/PDB_EXTRACT/   C++ ? 
# 
_pdbx_unobs_or_zero_occ_atoms.id               1 
_pdbx_unobs_or_zero_occ_atoms.PDB_model_num    1 
_pdbx_unobs_or_zero_occ_atoms.polymer_flag     Y 
_pdbx_unobs_or_zero_occ_atoms.occupancy_flag   1 
_pdbx_unobs_or_zero_occ_atoms.auth_asym_id     B 
_pdbx_unobs_or_zero_occ_atoms.auth_comp_id     ILE 
_pdbx_unobs_or_zero_occ_atoms.auth_seq_id      9 
_pdbx_unobs_or_zero_occ_atoms.PDB_ins_code     ? 
_pdbx_unobs_or_zero_occ_atoms.auth_atom_id     CD1 
_pdbx_unobs_or_zero_occ_atoms.label_alt_id     ? 
_pdbx_unobs_or_zero_occ_atoms.label_asym_id    B 
_pdbx_unobs_or_zero_occ_atoms.label_comp_id    ILE 
_pdbx_unobs_or_zero_occ_atoms.label_seq_id     9 
_pdbx_unobs_or_zero_occ_atoms.label_atom_id    CD1 
# 
loop_
_chem_comp_atom.comp_id 
_chem_comp_atom.atom_id 
_chem_comp_atom.type_symbol 
_chem_comp_atom.pdbx_aromatic_flag 
_chem_comp_atom.pdbx_stereo_config 
_chem_comp_atom.pdbx_ordinal 
ASP N    N N N 1   
ASP CA   C N S 2   
ASP C    C N N 3   
ASP O    O N N 4   
ASP CB   C N N 5   
ASP CG   C N N 6   
ASP OD1  O N N 7   
ASP OD2  O N N 8   
ASP OXT  O N N 9   
ASP H    H N N 10  
ASP H2   H N N 11  
ASP HA   H N N 12  
ASP HB2  H N N 13  
ASP HB3  H N N 14  
ASP HD2  H N N 15  
ASP HXT  H N N 16  
GLU N    N N N 17  
GLU CA   C N S 18  
GLU C    C N N 19  
GLU O    O N N 20  
GLU CB   C N N 21  
GLU CG   C N N 22  
GLU CD   C N N 23  
GLU OE1  O N N 24  
GLU OE2  O N N 25  
GLU OXT  O N N 26  
GLU H    H N N 27  
GLU H2   H N N 28  
GLU HA   H N N 29  
GLU HB2  H N N 30  
GLU HB3  H N N 31  
GLU HG2  H N N 32  
GLU HG3  H N N 33  
GLU HE2  H N N 34  
GLU HXT  H N N 35  
GLY N    N N N 36  
GLY CA   C N N 37  
GLY C    C N N 38  
GLY O    O N N 39  
GLY OXT  O N N 40  
GLY H    H N N 41  
GLY H2   H N N 42  
GLY HA2  H N N 43  
GLY HA3  H N N 44  
GLY HXT  H N N 45  
HOH O    O N N 46  
HOH H1   H N N 47  
HOH H2   H N N 48  
ILE N    N N N 49  
ILE CA   C N S 50  
ILE C    C N N 51  
ILE O    O N N 52  
ILE CB   C N S 53  
ILE CG1  C N N 54  
ILE CG2  C N N 55  
ILE CD1  C N N 56  
ILE OXT  O N N 57  
ILE H    H N N 58  
ILE H2   H N N 59  
ILE HA   H N N 60  
ILE HB   H N N 61  
ILE HG12 H N N 62  
ILE HG13 H N N 63  
ILE HG21 H N N 64  
ILE HG22 H N N 65  
ILE HG23 H N N 66  
ILE HD11 H N N 67  
ILE HD12 H N N 68  
ILE HD13 H N N 69  
ILE HXT  H N N 70  
LEU N    N N N 71  
LEU CA   C N S 72  
LEU C    C N N 73  
LEU O    O N N 74  
LEU CB   C N N 75  
LEU CG   C N N 76  
LEU CD1  C N N 77  
LEU CD2  C N N 78  
LEU OXT  O N N 79  
LEU H    H N N 80  
LEU H2   H N N 81  
LEU HA   H N N 82  
LEU HB2  H N N 83  
LEU HB3  H N N 84  
LEU HG   H N N 85  
LEU HD11 H N N 86  
LEU HD12 H N N 87  
LEU HD13 H N N 88  
LEU HD21 H N N 89  
LEU HD22 H N N 90  
LEU HD23 H N N 91  
LEU HXT  H N N 92  
LYS N    N N N 93  
LYS CA   C N S 94  
LYS C    C N N 95  
LYS O    O N N 96  
LYS CB   C N N 97  
LYS CG   C N N 98  
LYS CD   C N N 99  
LYS CE   C N N 100 
LYS NZ   N N N 101 
LYS OXT  O N N 102 
LYS H    H N N 103 
LYS H2   H N N 104 
LYS HA   H N N 105 
LYS HB2  H N N 106 
LYS HB3  H N N 107 
LYS HG2  H N N 108 
LYS HG3  H N N 109 
LYS HD2  H N N 110 
LYS HD3  H N N 111 
LYS HE2  H N N 112 
LYS HE3  H N N 113 
LYS HZ1  H N N 114 
LYS HZ2  H N N 115 
LYS HZ3  H N N 116 
LYS HXT  H N N 117 
MPD C1   C N N 118 
MPD C2   C N N 119 
MPD O2   O N N 120 
MPD CM   C N N 121 
MPD C3   C N N 122 
MPD C4   C N S 123 
MPD O4   O N N 124 
MPD C5   C N N 125 
MPD H11  H N N 126 
MPD H12  H N N 127 
MPD H13  H N N 128 
MPD HO2  H N N 129 
MPD HM1  H N N 130 
MPD HM2  H N N 131 
MPD HM3  H N N 132 
MPD H31  H N N 133 
MPD H32  H N N 134 
MPD H4   H N N 135 
MPD HO4  H N N 136 
MPD H51  H N N 137 
MPD H52  H N N 138 
MPD H53  H N N 139 
MRD C1   C N N 140 
MRD C2   C N N 141 
MRD O2   O N N 142 
MRD CM   C N N 143 
MRD C3   C N N 144 
MRD C4   C N R 145 
MRD O4   O N N 146 
MRD C5   C N N 147 
MRD H1C1 H N N 148 
MRD H1C2 H N N 149 
MRD H1C3 H N N 150 
MRD H2   H N N 151 
MRD HMC1 H N N 152 
MRD HMC2 H N N 153 
MRD HMC3 H N N 154 
MRD H3C1 H N N 155 
MRD H3C2 H N N 156 
MRD H4   H N N 157 
MRD HA   H N N 158 
MRD H5C1 H N N 159 
MRD H5C2 H N N 160 
MRD H5C3 H N N 161 
VAL N    N N N 162 
VAL CA   C N S 163 
VAL C    C N N 164 
VAL O    O N N 165 
VAL CB   C N N 166 
VAL CG1  C N N 167 
VAL CG2  C N N 168 
VAL OXT  O N N 169 
VAL H    H N N 170 
VAL H2   H N N 171 
VAL HA   H N N 172 
VAL HB   H N N 173 
VAL HG11 H N N 174 
VAL HG12 H N N 175 
VAL HG13 H N N 176 
VAL HG21 H N N 177 
VAL HG22 H N N 178 
VAL HG23 H N N 179 
VAL HXT  H N N 180 
# 
loop_
_chem_comp_bond.comp_id 
_chem_comp_bond.atom_id_1 
_chem_comp_bond.atom_id_2 
_chem_comp_bond.value_order 
_chem_comp_bond.pdbx_aromatic_flag 
_chem_comp_bond.pdbx_stereo_config 
_chem_comp_bond.pdbx_ordinal 
ASP N   CA   sing N N 1   
ASP N   H    sing N N 2   
ASP N   H2   sing N N 3   
ASP CA  C    sing N N 4   
ASP CA  CB   sing N N 5   
ASP CA  HA   sing N N 6   
ASP C   O    doub N N 7   
ASP C   OXT  sing N N 8   
ASP CB  CG   sing N N 9   
ASP CB  HB2  sing N N 10  
ASP CB  HB3  sing N N 11  
ASP CG  OD1  doub N N 12  
ASP CG  OD2  sing N N 13  
ASP OD2 HD2  sing N N 14  
ASP OXT HXT  sing N N 15  
GLU N   CA   sing N N 16  
GLU N   H    sing N N 17  
GLU N   H2   sing N N 18  
GLU CA  C    sing N N 19  
GLU CA  CB   sing N N 20  
GLU CA  HA   sing N N 21  
GLU C   O    doub N N 22  
GLU C   OXT  sing N N 23  
GLU CB  CG   sing N N 24  
GLU CB  HB2  sing N N 25  
GLU CB  HB3  sing N N 26  
GLU CG  CD   sing N N 27  
GLU CG  HG2  sing N N 28  
GLU CG  HG3  sing N N 29  
GLU CD  OE1  doub N N 30  
GLU CD  OE2  sing N N 31  
GLU OE2 HE2  sing N N 32  
GLU OXT HXT  sing N N 33  
GLY N   CA   sing N N 34  
GLY N   H    sing N N 35  
GLY N   H2   sing N N 36  
GLY CA  C    sing N N 37  
GLY CA  HA2  sing N N 38  
GLY CA  HA3  sing N N 39  
GLY C   O    doub N N 40  
GLY C   OXT  sing N N 41  
GLY OXT HXT  sing N N 42  
HOH O   H1   sing N N 43  
HOH O   H2   sing N N 44  
ILE N   CA   sing N N 45  
ILE N   H    sing N N 46  
ILE N   H2   sing N N 47  
ILE CA  C    sing N N 48  
ILE CA  CB   sing N N 49  
ILE CA  HA   sing N N 50  
ILE C   O    doub N N 51  
ILE C   OXT  sing N N 52  
ILE CB  CG1  sing N N 53  
ILE CB  CG2  sing N N 54  
ILE CB  HB   sing N N 55  
ILE CG1 CD1  sing N N 56  
ILE CG1 HG12 sing N N 57  
ILE CG1 HG13 sing N N 58  
ILE CG2 HG21 sing N N 59  
ILE CG2 HG22 sing N N 60  
ILE CG2 HG23 sing N N 61  
ILE CD1 HD11 sing N N 62  
ILE CD1 HD12 sing N N 63  
ILE CD1 HD13 sing N N 64  
ILE OXT HXT  sing N N 65  
LEU N   CA   sing N N 66  
LEU N   H    sing N N 67  
LEU N   H2   sing N N 68  
LEU CA  C    sing N N 69  
LEU CA  CB   sing N N 70  
LEU CA  HA   sing N N 71  
LEU C   O    doub N N 72  
LEU C   OXT  sing N N 73  
LEU CB  CG   sing N N 74  
LEU CB  HB2  sing N N 75  
LEU CB  HB3  sing N N 76  
LEU CG  CD1  sing N N 77  
LEU CG  CD2  sing N N 78  
LEU CG  HG   sing N N 79  
LEU CD1 HD11 sing N N 80  
LEU CD1 HD12 sing N N 81  
LEU CD1 HD13 sing N N 82  
LEU CD2 HD21 sing N N 83  
LEU CD2 HD22 sing N N 84  
LEU CD2 HD23 sing N N 85  
LEU OXT HXT  sing N N 86  
LYS N   CA   sing N N 87  
LYS N   H    sing N N 88  
LYS N   H2   sing N N 89  
LYS CA  C    sing N N 90  
LYS CA  CB   sing N N 91  
LYS CA  HA   sing N N 92  
LYS C   O    doub N N 93  
LYS C   OXT  sing N N 94  
LYS CB  CG   sing N N 95  
LYS CB  HB2  sing N N 96  
LYS CB  HB3  sing N N 97  
LYS CG  CD   sing N N 98  
LYS CG  HG2  sing N N 99  
LYS CG  HG3  sing N N 100 
LYS CD  CE   sing N N 101 
LYS CD  HD2  sing N N 102 
LYS CD  HD3  sing N N 103 
LYS CE  NZ   sing N N 104 
LYS CE  HE2  sing N N 105 
LYS CE  HE3  sing N N 106 
LYS NZ  HZ1  sing N N 107 
LYS NZ  HZ2  sing N N 108 
LYS NZ  HZ3  sing N N 109 
LYS OXT HXT  sing N N 110 
MPD C1  C2   sing N N 111 
MPD C1  H11  sing N N 112 
MPD C1  H12  sing N N 113 
MPD C1  H13  sing N N 114 
MPD C2  O2   sing N N 115 
MPD C2  CM   sing N N 116 
MPD C2  C3   sing N N 117 
MPD O2  HO2  sing N N 118 
MPD CM  HM1  sing N N 119 
MPD CM  HM2  sing N N 120 
MPD CM  HM3  sing N N 121 
MPD C3  C4   sing N N 122 
MPD C3  H31  sing N N 123 
MPD C3  H32  sing N N 124 
MPD C4  O4   sing N N 125 
MPD C4  C5   sing N N 126 
MPD C4  H4   sing N N 127 
MPD O4  HO4  sing N N 128 
MPD C5  H51  sing N N 129 
MPD C5  H52  sing N N 130 
MPD C5  H53  sing N N 131 
MRD C1  C2   sing N N 132 
MRD C1  H1C1 sing N N 133 
MRD C1  H1C2 sing N N 134 
MRD C1  H1C3 sing N N 135 
MRD C2  O2   sing N N 136 
MRD C2  CM   sing N N 137 
MRD C2  C3   sing N N 138 
MRD O2  H2   sing N N 139 
MRD CM  HMC1 sing N N 140 
MRD CM  HMC2 sing N N 141 
MRD CM  HMC3 sing N N 142 
MRD C3  C4   sing N N 143 
MRD C3  H3C1 sing N N 144 
MRD C3  H3C2 sing N N 145 
MRD C4  O4   sing N N 146 
MRD C4  C5   sing N N 147 
MRD C4  H4   sing N N 148 
MRD O4  HA   sing N N 149 
MRD C5  H5C1 sing N N 150 
MRD C5  H5C2 sing N N 151 
MRD C5  H5C3 sing N N 152 
VAL N   CA   sing N N 153 
VAL N   H    sing N N 154 
VAL N   H2   sing N N 155 
VAL CA  C    sing N N 156 
VAL CA  CB   sing N N 157 
VAL CA  HA   sing N N 158 
VAL C   O    doub N N 159 
VAL C   OXT  sing N N 160 
VAL CB  CG1  sing N N 161 
VAL CB  CG2  sing N N 162 
VAL CB  HB   sing N N 163 
VAL CG1 HG11 sing N N 164 
VAL CG1 HG12 sing N N 165 
VAL CG1 HG13 sing N N 166 
VAL CG2 HG21 sing N N 167 
VAL CG2 HG22 sing N N 168 
VAL CG2 HG23 sing N N 169 
VAL OXT HXT  sing N N 170 
# 
loop_
_pdbx_entity_nonpoly.entity_id 
_pdbx_entity_nonpoly.name 
_pdbx_entity_nonpoly.comp_id 
2 '(4R)-2-METHYLPENTANE-2,4-DIOL' MRD 
3 '(4S)-2-METHYL-2,4-PENTANEDIOL' MPD 
4 water                           HOH 
# 
_pdbx_initial_refinement_model.id               1 
_pdbx_initial_refinement_model.entity_id_list   ? 
_pdbx_initial_refinement_model.type             'experimental model' 
_pdbx_initial_refinement_model.source_name      PDB 
_pdbx_initial_refinement_model.accession_code   3SGM 
_pdbx_initial_refinement_model.details          'PDB ENTRY 3SGM' 
# 
